data_7MHZ
#
_entry.id   7MHZ
#
_cell.length_a   1.00
_cell.length_b   1.00
_cell.length_c   1.00
_cell.angle_alpha   90.00
_cell.angle_beta   90.00
_cell.angle_gamma   90.00
#
_symmetry.space_group_name_H-M   'P 1'
#
loop_
_entity.id
_entity.type
_entity.pdbx_description
1 polymer 'Sonic hedgehog protein N-product peptide'
2 polymer 'Protein-cysteine N-palmitoyltransferase HHAT'
3 polymer '3H02 Fab heavy chain'
4 polymer '3H02 Fab light chain'
5 non-polymer 'PALMITIC ACID'
6 non-polymer 'PROTOPORPHYRIN IX CONTAINING FE'
7 non-polymer Palmitoyl-CoA
8 non-polymer Digitonin
#
loop_
_entity_poly.entity_id
_entity_poly.type
_entity_poly.pdbx_seq_one_letter_code
_entity_poly.pdbx_strand_id
1 'polypeptide(L)' CGPGRGFG B
2 'polypeptide(L)'
;MLPRWELALYLLASLGFHFYSFYEVYKVSREHEEELDQEFELETDTLFGGLKKDATDFEWSFWMEWGKQWLVWLLLGHMV
VSQMATLLARKHRPWILMLYGMWACWCVLGTPGVAMVLLHTTISFCVAQFRSQLLTWLCSLLLLSTLRLQGVEEVKRRWY
KTENEYYLLQFTLTVRCLYYTSFSLELCWQQLPAASTSYSFPWMLAYVFYYPVLHNGPILSFSEFIKQMQQQEHDSLKAS
LCVLALGLGRLLCWWWLAELMAHLMYMHAIYSSIPLLETVSCWTLGGLALAQVLFFYVKYLVLFGVPALLMRLDGLTPPA
LPRCVSTMFSFTGMWRYFDVGLHNFLIRYVYIPVGGSQHGLLGTLFSTAMTFAFVSYWHGGYDYLWCWAALNWLGVTVEN
GVRRLVETPCIQDSLARYFSPQARRRFHAALASCSTSMLILSNLVFLGGNEVGKTYWNRIFIQGWPWVTLSVLGFLYCYS
HVGIAWAQTYATD
;
A
3 'polypeptide(L)'
;MGWSCIILFLVATATGVHSQIQLVQSGPELKKPGETVKISCKASGYTFTNYGMNWVRQAPGKGLKWMGWINTYTGEPTYA
DDFKGRFAFSLETSASTAYLQINNLKDEDMATYFCARVWNYDYYFDYWGQGTTLTVSSAKTTPPSVYPLAPGSAAQTNSM
VTLGCLVKGYFPEPVTVTWNSGSLSSGVHTFPAVLQSDLYTLSSSVTVPSSPRPSETVTCNVAHPASSTKVDKKIVPRDC
GCKPCICTVPEVSSVFIFPPKPKDVLTITLTPKVTCVVVDISKDDPEVQFSWFVDDVEVHTAQTQPREEQFNSTFRSVSE
LPIMHQDWLNGKEFKCRVNSAAFPAPIEKTISKTKGRPKAPQVYTIPPPKEQMAKDKVSLTCMITDFFPEDITVEWQWNG
QPAENYKNTQPIMNTNGSYFVYSKLNVQKSNWEAGNTFTCSVLHEGLHNHHTEKSLSHSPGK
;
O
4 'polypeptide(L)'
;MKLPVRLLVLMFWIPASRSDVLMTQTPLSLPVSLGDQVSISCRSSQSIVHSNGNTYLEWYLQKPGQSPKLLIYRVSNRFS
GVPDRFSGSGSGTDFTLKISRVEAEDLGVYYCFQGSHVPWTFGGGTKLEIKRADAAPTVSIFPPSSEQLTSGGASVVCFL
NNFYPKDINVKWKIDGSERQNGVLNSWTDQDSKDSTYSMSSTLTLTK
;
P
#
# COMPACT_ATOMS: atom_id res chain seq x y z
N CYS A 1 7.20 10.31 -6.20
CA CYS A 1 8.02 10.08 -5.02
C CYS A 1 9.37 10.78 -5.12
N GLY A 2 10.28 10.44 -4.20
CA GLY A 2 11.60 11.02 -4.20
C GLY A 2 11.65 12.26 -3.35
N PRO A 3 12.45 12.21 -2.28
CA PRO A 3 12.55 13.38 -1.38
C PRO A 3 13.32 14.54 -1.99
N GLY A 4 13.89 14.39 -3.18
CA GLY A 4 14.64 15.47 -3.77
C GLY A 4 13.75 16.42 -4.53
N ARG A 5 13.35 17.51 -3.88
CA ARG A 5 12.39 18.46 -4.42
C ARG A 5 12.81 19.85 -4.02
N GLY A 6 12.66 20.81 -4.92
CA GLY A 6 13.02 22.18 -4.65
C GLY A 6 14.47 22.53 -4.90
N PHE A 7 15.24 21.62 -5.49
CA PHE A 7 16.64 21.87 -5.83
C PHE A 7 16.75 22.04 -7.34
N GLY A 8 17.43 23.10 -7.76
CA GLY A 8 17.62 23.37 -9.18
C GLY A 8 18.83 24.22 -9.48
N MET B 1 -18.62 1.31 -29.29
CA MET B 1 -17.22 1.48 -29.61
C MET B 1 -17.04 2.42 -30.79
N LEU B 2 -16.01 3.27 -30.71
CA LEU B 2 -15.74 4.22 -31.79
C LEU B 2 -15.19 3.47 -33.01
N PRO B 3 -15.48 3.99 -34.22
CA PRO B 3 -14.89 3.38 -35.42
C PRO B 3 -13.37 3.47 -35.40
N ARG B 4 -12.73 2.45 -35.97
CA ARG B 4 -11.29 2.33 -35.89
C ARG B 4 -10.57 3.41 -36.68
N TRP B 5 -11.15 3.85 -37.80
CA TRP B 5 -10.44 4.79 -38.67
C TRP B 5 -10.22 6.13 -37.99
N GLU B 6 -11.25 6.68 -37.34
CA GLU B 6 -11.08 7.99 -36.72
C GLU B 6 -10.29 7.90 -35.42
N LEU B 7 -10.34 6.76 -34.72
CA LEU B 7 -9.46 6.58 -33.58
C LEU B 7 -8.00 6.52 -34.03
N ALA B 8 -7.73 5.84 -35.15
CA ALA B 8 -6.38 5.84 -35.70
C ALA B 8 -5.96 7.25 -36.11
N LEU B 9 -6.90 8.03 -36.65
CA LEU B 9 -6.60 9.43 -36.97
C LEU B 9 -6.25 10.21 -35.71
N TYR B 10 -6.98 9.96 -34.61
CA TYR B 10 -6.67 10.63 -33.36
C TYR B 10 -5.27 10.26 -32.86
N LEU B 11 -4.92 8.97 -32.95
CA LEU B 11 -3.58 8.55 -32.53
C LEU B 11 -2.52 9.20 -33.42
N LEU B 12 -2.79 9.29 -34.73
CA LEU B 12 -1.86 9.95 -35.64
C LEU B 12 -1.67 11.41 -35.26
N ALA B 13 -2.75 12.10 -34.93
CA ALA B 13 -2.66 13.50 -34.53
C ALA B 13 -1.86 13.65 -33.23
N SER B 14 -2.09 12.74 -32.28
CA SER B 14 -1.38 12.80 -31.01
C SER B 14 0.12 12.63 -31.22
N LEU B 15 0.52 11.59 -31.96
CA LEU B 15 1.94 11.40 -32.23
C LEU B 15 2.51 12.56 -33.03
N GLY B 16 1.74 13.08 -33.99
CA GLY B 16 2.22 14.19 -34.79
C GLY B 16 2.52 15.42 -33.98
N PHE B 17 1.61 15.78 -33.06
CA PHE B 17 1.86 17.01 -32.31
C PHE B 17 2.93 16.79 -31.25
N HIS B 18 3.01 15.61 -30.64
CA HIS B 18 4.17 15.30 -29.80
C HIS B 18 5.47 15.52 -30.55
N PHE B 19 5.58 14.92 -31.75
CA PHE B 19 6.87 14.92 -32.43
C PHE B 19 7.21 16.29 -32.99
N TYR B 20 6.21 17.03 -33.49
CA TYR B 20 6.49 18.38 -33.98
C TYR B 20 6.87 19.31 -32.83
N SER B 21 6.22 19.17 -31.67
CA SER B 21 6.61 19.98 -30.53
C SER B 21 8.02 19.64 -30.08
N PHE B 22 8.38 18.35 -30.11
CA PHE B 22 9.75 17.95 -29.78
C PHE B 22 10.74 18.57 -30.75
N TYR B 23 10.42 18.56 -32.04
CA TYR B 23 11.29 19.17 -33.04
C TYR B 23 11.44 20.67 -32.79
N GLU B 24 10.35 21.34 -32.44
CA GLU B 24 10.42 22.77 -32.16
C GLU B 24 11.32 23.05 -30.95
N VAL B 25 11.19 22.24 -29.90
CA VAL B 25 12.05 22.43 -28.73
C VAL B 25 13.50 22.16 -29.08
N TYR B 26 13.75 21.18 -29.94
CA TYR B 26 15.12 20.91 -30.38
C TYR B 26 15.69 22.11 -31.14
N LYS B 27 14.89 22.69 -32.03
CA LYS B 27 15.35 23.87 -32.77
C LYS B 27 15.65 25.03 -31.83
N VAL B 28 14.77 25.25 -30.84
CA VAL B 28 14.99 26.34 -29.89
C VAL B 28 16.27 26.10 -29.10
N SER B 29 16.49 24.86 -28.65
CA SER B 29 17.71 24.56 -27.90
C SER B 29 18.95 24.77 -28.75
N ARG B 30 18.92 24.33 -30.02
CA ARG B 30 20.08 24.49 -30.88
C ARG B 30 20.37 25.96 -31.15
N GLU B 31 19.33 26.78 -31.38
CA GLU B 31 19.58 28.17 -31.69
C GLU B 31 19.93 29.01 -30.47
N HIS B 32 19.68 28.49 -29.26
CA HIS B 32 20.02 29.18 -28.02
C HIS B 32 21.02 28.37 -27.19
N GLU B 33 21.91 27.65 -27.87
CA GLU B 33 22.85 26.78 -27.16
C GLU B 33 23.95 27.57 -26.50
N GLU B 34 24.43 28.64 -27.16
CA GLU B 34 25.58 29.39 -26.64
C GLU B 34 25.24 30.10 -25.34
N GLU B 35 24.14 30.85 -25.32
CA GLU B 35 23.81 31.61 -24.11
C GLU B 35 23.43 30.68 -22.96
N LEU B 36 22.74 29.58 -23.24
CA LEU B 36 22.41 28.62 -22.20
C LEU B 36 23.67 27.96 -21.65
N ASP B 37 24.63 27.64 -22.52
CA ASP B 37 25.89 27.06 -22.08
C ASP B 37 26.65 28.06 -21.20
N GLN B 38 26.65 29.33 -21.59
CA GLN B 38 27.34 30.34 -20.79
C GLN B 38 26.69 30.50 -19.42
N GLU B 39 25.35 30.56 -19.38
CA GLU B 39 24.65 30.75 -18.10
C GLU B 39 24.75 29.52 -17.23
N PHE B 40 24.45 28.35 -17.79
CA PHE B 40 24.52 27.08 -17.06
C PHE B 40 25.52 26.17 -17.75
N GLU B 41 26.44 25.60 -16.98
CA GLU B 41 27.43 24.70 -17.56
C GLU B 41 26.74 23.47 -18.14
N LEU B 42 27.11 23.12 -19.36
CA LEU B 42 26.57 21.95 -20.05
C LEU B 42 27.66 20.90 -20.15
N GLU B 43 27.35 19.68 -19.76
CA GLU B 43 28.35 18.62 -19.76
C GLU B 43 28.70 18.23 -21.18
N THR B 44 29.99 17.97 -21.41
CA THR B 44 30.48 17.57 -22.72
C THR B 44 30.87 16.10 -22.69
N ASP B 45 30.31 15.33 -23.63
CA ASP B 45 30.59 13.90 -23.71
C ASP B 45 30.53 13.46 -25.17
N THR B 46 31.14 12.32 -25.45
CA THR B 46 31.19 11.76 -26.79
C THR B 46 30.17 10.66 -27.01
N LEU B 47 29.21 10.49 -26.09
CA LEU B 47 28.20 9.45 -26.24
C LEU B 47 27.32 9.69 -27.47
N PHE B 48 26.99 10.94 -27.75
CA PHE B 48 26.03 11.26 -28.81
C PHE B 48 26.67 12.15 -29.86
N GLY B 49 27.92 11.86 -30.23
CA GLY B 49 28.58 12.57 -31.30
C GLY B 49 28.99 13.99 -30.99
N GLY B 50 29.15 14.33 -29.71
CA GLY B 50 29.57 15.66 -29.32
C GLY B 50 28.47 16.56 -28.82
N LEU B 51 27.23 16.09 -28.79
CA LEU B 51 26.14 16.89 -28.24
C LEU B 51 26.37 17.13 -26.75
N LYS B 52 25.95 18.30 -26.27
CA LYS B 52 26.19 18.71 -24.90
C LYS B 52 24.96 18.38 -24.05
N LYS B 53 25.18 17.60 -22.99
CA LYS B 53 24.10 17.26 -22.07
C LYS B 53 23.77 18.43 -21.17
N ASP B 54 22.48 18.59 -20.90
CA ASP B 54 21.98 19.64 -20.02
C ASP B 54 21.92 19.06 -18.61
N ALA B 55 22.88 19.45 -17.76
CA ALA B 55 23.00 18.93 -16.40
C ALA B 55 22.30 19.82 -15.38
N THR B 56 21.35 20.65 -15.82
CA THR B 56 20.67 21.56 -14.90
C THR B 56 19.80 20.79 -13.91
N ASP B 57 19.25 19.64 -14.32
CA ASP B 57 18.39 18.88 -13.43
C ASP B 57 19.16 18.42 -12.21
N PHE B 58 18.48 18.36 -11.07
CA PHE B 58 19.13 17.98 -9.82
C PHE B 58 19.04 16.48 -9.56
N GLU B 59 17.83 15.91 -9.66
CA GLU B 59 17.66 14.50 -9.32
C GLU B 59 18.50 13.61 -10.23
N TRP B 60 18.49 13.86 -11.53
CA TRP B 60 19.26 13.04 -12.45
C TRP B 60 20.76 13.16 -12.17
N SER B 61 21.27 14.39 -12.13
CA SER B 61 22.70 14.62 -11.95
C SER B 61 23.18 14.31 -10.54
N PHE B 62 22.26 14.08 -9.61
CA PHE B 62 22.60 13.68 -8.25
C PHE B 62 22.61 12.17 -8.12
N TRP B 63 21.55 11.50 -8.60
CA TRP B 63 21.46 10.06 -8.46
C TRP B 63 22.45 9.34 -9.36
N MET B 64 22.70 9.86 -10.57
CA MET B 64 23.74 9.24 -11.39
C MET B 64 25.13 9.51 -10.84
N GLU B 65 25.35 10.69 -10.28
CA GLU B 65 26.64 10.97 -9.66
C GLU B 65 26.89 10.04 -8.47
N TRP B 66 25.85 9.76 -7.69
CA TRP B 66 26.01 8.81 -6.58
C TRP B 66 26.16 7.38 -7.09
N GLY B 67 25.40 7.02 -8.14
CA GLY B 67 25.45 5.65 -8.63
C GLY B 67 26.78 5.29 -9.24
N LYS B 68 27.40 6.22 -9.98
CA LYS B 68 28.70 5.94 -10.56
C LYS B 68 29.75 5.71 -9.49
N GLN B 69 29.55 6.26 -8.28
CA GLN B 69 30.53 6.17 -7.20
C GLN B 69 30.25 5.01 -6.25
N TRP B 70 29.10 5.01 -5.59
CA TRP B 70 28.82 4.06 -4.53
C TRP B 70 27.59 3.21 -4.78
N LEU B 71 26.50 3.81 -5.28
CA LEU B 71 25.20 3.16 -5.18
C LEU B 71 25.13 1.88 -6.00
N VAL B 72 25.65 1.88 -7.23
CA VAL B 72 25.50 0.70 -8.07
C VAL B 72 26.29 -0.48 -7.49
N TRP B 73 27.49 -0.22 -6.96
CA TRP B 73 28.29 -1.29 -6.37
C TRP B 73 27.61 -1.86 -5.14
N LEU B 74 27.04 -1.00 -4.30
CA LEU B 74 26.37 -1.49 -3.10
C LEU B 74 25.09 -2.24 -3.45
N LEU B 75 24.38 -1.82 -4.49
CA LEU B 75 23.19 -2.57 -4.92
C LEU B 75 23.57 -3.93 -5.47
N LEU B 76 24.64 -4.01 -6.25
CA LEU B 76 25.11 -5.32 -6.72
C LEU B 76 25.53 -6.19 -5.55
N GLY B 77 26.21 -5.61 -4.56
CA GLY B 77 26.56 -6.36 -3.36
C GLY B 77 25.33 -6.86 -2.63
N HIS B 78 24.27 -6.04 -2.57
CA HIS B 78 23.03 -6.48 -1.95
C HIS B 78 22.42 -7.65 -2.71
N MET B 79 22.42 -7.59 -4.03
CA MET B 79 21.88 -8.69 -4.81
C MET B 79 22.67 -9.97 -4.54
N VAL B 80 24.00 -9.88 -4.52
CA VAL B 80 24.84 -11.05 -4.27
C VAL B 80 24.57 -11.60 -2.87
N VAL B 81 24.49 -10.73 -1.87
CA VAL B 81 24.26 -11.18 -0.50
C VAL B 81 22.90 -11.83 -0.36
N SER B 82 21.87 -11.26 -1.00
CA SER B 82 20.54 -11.86 -0.94
C SER B 82 20.52 -13.23 -1.59
N GLN B 83 21.17 -13.38 -2.74
CA GLN B 83 21.21 -14.69 -3.39
C GLN B 83 21.97 -15.71 -2.54
N MET B 84 23.10 -15.28 -1.95
CA MET B 84 23.86 -16.19 -1.10
C MET B 84 23.06 -16.60 0.13
N ALA B 85 22.32 -15.65 0.73
CA ALA B 85 21.49 -15.98 1.88
C ALA B 85 20.38 -16.94 1.49
N THR B 86 19.76 -16.74 0.33
CA THR B 86 18.73 -17.66 -0.12
C THR B 86 19.30 -19.06 -0.35
N LEU B 87 20.51 -19.13 -0.90
CA LEU B 87 21.10 -20.44 -1.18
C LEU B 87 21.54 -21.16 0.09
N LEU B 88 22.16 -20.45 1.02
CA LEU B 88 22.78 -21.09 2.18
C LEU B 88 21.85 -21.15 3.39
N ALA B 89 21.44 -19.98 3.90
CA ALA B 89 20.63 -19.89 5.10
C ALA B 89 19.34 -19.15 4.77
N ARG B 90 18.34 -19.88 4.29
CA ARG B 90 17.09 -19.23 3.89
C ARG B 90 16.31 -18.71 5.08
N LYS B 91 16.41 -19.38 6.24
CA LYS B 91 15.66 -18.95 7.41
C LYS B 91 16.11 -17.58 7.89
N HIS B 92 17.42 -17.32 7.87
CA HIS B 92 17.99 -16.10 8.41
C HIS B 92 18.24 -15.05 7.34
N ARG B 93 17.57 -15.13 6.20
CA ARG B 93 17.75 -14.13 5.15
C ARG B 93 17.37 -12.73 5.59
N PRO B 94 16.23 -12.48 6.24
CA PRO B 94 15.90 -11.10 6.62
C PRO B 94 16.94 -10.45 7.52
N TRP B 95 17.51 -11.20 8.46
CA TRP B 95 18.49 -10.61 9.37
C TRP B 95 19.81 -10.34 8.67
N ILE B 96 20.22 -11.23 7.75
CA ILE B 96 21.42 -10.97 6.96
C ILE B 96 21.23 -9.74 6.09
N LEU B 97 20.05 -9.61 5.47
CA LEU B 97 19.78 -8.45 4.65
C LEU B 97 19.76 -7.17 5.48
N MET B 98 19.21 -7.25 6.69
CA MET B 98 19.21 -6.10 7.60
C MET B 98 20.62 -5.70 8.00
N LEU B 99 21.49 -6.69 8.29
CA LEU B 99 22.87 -6.38 8.61
C LEU B 99 23.59 -5.74 7.43
N TYR B 100 23.37 -6.28 6.23
CA TYR B 100 23.98 -5.68 5.05
C TYR B 100 23.46 -4.27 4.80
N GLY B 101 22.17 -4.04 5.04
CA GLY B 101 21.63 -2.70 4.90
C GLY B 101 22.27 -1.72 5.86
N MET B 102 22.45 -2.13 7.12
CA MET B 102 23.13 -1.26 8.07
C MET B 102 24.57 -0.99 7.64
N TRP B 103 25.28 -2.03 7.17
CA TRP B 103 26.67 -1.82 6.76
C TRP B 103 26.75 -0.90 5.54
N ALA B 104 25.85 -1.06 4.58
CA ALA B 104 25.85 -0.21 3.40
C ALA B 104 25.52 1.23 3.76
N CYS B 105 24.51 1.43 4.61
CA CYS B 105 24.20 2.78 5.07
C CYS B 105 25.38 3.39 5.78
N TRP B 106 26.08 2.61 6.60
CA TRP B 106 27.26 3.13 7.27
C TRP B 106 28.33 3.55 6.26
N CYS B 107 28.69 2.65 5.35
CA CYS B 107 29.77 2.97 4.43
C CYS B 107 29.43 4.10 3.47
N VAL B 108 28.14 4.38 3.25
CA VAL B 108 27.77 5.45 2.33
C VAL B 108 27.45 6.77 3.04
N LEU B 109 27.12 6.75 4.34
CA LEU B 109 26.67 7.96 5.02
C LEU B 109 27.37 8.21 6.35
N GLY B 110 28.46 7.51 6.65
CA GLY B 110 29.13 7.72 7.93
C GLY B 110 28.35 7.15 9.09
N THR B 111 28.94 7.21 10.28
CA THR B 111 28.19 6.85 11.49
C THR B 111 26.97 7.74 11.73
N PRO B 112 27.01 9.06 11.54
CA PRO B 112 25.82 9.87 11.83
C PRO B 112 24.57 9.45 11.10
N GLY B 113 24.67 9.01 9.84
CA GLY B 113 23.48 8.60 9.12
C GLY B 113 22.80 7.40 9.75
N VAL B 114 23.60 6.36 10.05
CA VAL B 114 23.06 5.17 10.70
C VAL B 114 22.51 5.52 12.09
N ALA B 115 23.23 6.37 12.82
CA ALA B 115 22.77 6.76 14.14
C ALA B 115 21.42 7.47 14.09
N MET B 116 21.25 8.38 13.13
CA MET B 116 20.00 9.11 13.02
C MET B 116 18.86 8.21 12.57
N VAL B 117 19.13 7.29 11.64
CA VAL B 117 18.09 6.34 11.25
C VAL B 117 17.68 5.49 12.44
N LEU B 118 18.65 5.02 13.23
CA LEU B 118 18.33 4.22 14.40
C LEU B 118 17.54 5.03 15.43
N LEU B 119 17.90 6.30 15.62
CA LEU B 119 17.18 7.14 16.57
C LEU B 119 15.73 7.33 16.14
N HIS B 120 15.51 7.62 14.86
CA HIS B 120 14.15 7.77 14.36
C HIS B 120 13.36 6.49 14.54
N THR B 121 13.95 5.35 14.18
CA THR B 121 13.27 4.07 14.30
C THR B 121 12.91 3.77 15.75
N THR B 122 13.87 3.97 16.66
CA THR B 122 13.61 3.67 18.07
C THR B 122 12.55 4.58 18.65
N ILE B 123 12.58 5.87 18.32
CA ILE B 123 11.58 6.79 18.84
C ILE B 123 10.20 6.42 18.31
N SER B 124 10.10 6.11 17.02
CA SER B 124 8.81 5.73 16.46
C SER B 124 8.28 4.44 17.09
N PHE B 125 9.16 3.46 17.31
CA PHE B 125 8.72 2.22 17.94
C PHE B 125 8.25 2.45 19.37
N CYS B 126 9.01 3.24 20.14
CA CYS B 126 8.64 3.50 21.53
C CYS B 126 7.32 4.25 21.61
N VAL B 127 7.08 5.19 20.70
CA VAL B 127 5.81 5.90 20.71
C VAL B 127 4.68 4.97 20.28
N ALA B 128 4.90 4.14 19.26
CA ALA B 128 3.86 3.24 18.78
C ALA B 128 3.53 2.16 19.79
N GLN B 129 4.41 1.90 20.76
CA GLN B 129 4.08 0.95 21.82
C GLN B 129 2.81 1.34 22.56
N PHE B 130 2.46 2.63 22.59
CA PHE B 130 1.23 3.06 23.24
C PHE B 130 -0.01 2.65 22.47
N ARG B 131 0.14 2.27 21.20
CA ARG B 131 -0.97 1.79 20.37
C ARG B 131 -2.05 2.84 20.21
N SER B 132 -1.65 4.02 19.73
CA SER B 132 -2.58 5.07 19.34
C SER B 132 -2.16 5.62 17.99
N GLN B 133 -3.10 5.68 17.04
CA GLN B 133 -2.74 6.12 15.70
C GLN B 133 -2.49 7.62 15.64
N LEU B 134 -3.26 8.40 16.39
CA LEU B 134 -3.04 9.86 16.39
C LEU B 134 -1.69 10.21 16.99
N LEU B 135 -1.33 9.60 18.12
CA LEU B 135 -0.04 9.87 18.74
C LEU B 135 1.10 9.45 17.82
N THR B 136 0.94 8.33 17.13
CA THR B 136 1.95 7.90 16.17
C THR B 136 2.09 8.90 15.02
N TRP B 137 0.96 9.43 14.54
CA TRP B 137 1.04 10.41 13.45
C TRP B 137 1.72 11.70 13.90
N LEU B 138 1.41 12.17 15.10
CA LEU B 138 2.15 13.34 15.61
C LEU B 138 3.63 13.04 15.80
N CYS B 139 3.97 11.84 16.27
CA CYS B 139 5.39 11.50 16.40
C CYS B 139 6.08 11.52 15.04
N SER B 140 5.44 10.94 14.02
CA SER B 140 6.02 10.95 12.69
C SER B 140 6.15 12.37 12.14
N LEU B 141 5.14 13.20 12.37
CA LEU B 141 5.20 14.58 11.89
C LEU B 141 6.32 15.36 12.57
N LEU B 142 6.50 15.17 13.88
CA LEU B 142 7.62 15.82 14.56
C LEU B 142 8.96 15.32 14.05
N LEU B 143 9.08 14.01 13.83
CA LEU B 143 10.34 13.47 13.30
C LEU B 143 10.63 14.03 11.92
N LEU B 144 9.60 14.19 11.09
CA LEU B 144 9.79 14.78 9.76
C LEU B 144 10.11 16.26 9.84
N SER B 145 9.51 16.96 10.82
CA SER B 145 9.76 18.38 10.98
C SER B 145 11.16 18.66 11.47
N THR B 146 11.75 17.73 12.24
CA THR B 146 13.11 17.91 12.70
C THR B 146 14.09 18.00 11.54
N LEU B 147 13.72 17.55 10.35
CA LEU B 147 14.58 17.68 9.19
C LEU B 147 14.63 19.11 8.68
N ARG B 148 13.48 19.81 8.69
CA ARG B 148 13.39 21.14 8.11
C ARG B 148 13.90 22.24 9.03
N LEU B 149 14.21 21.94 10.29
CA LEU B 149 14.71 22.95 11.20
C LEU B 149 16.09 23.44 10.76
N GLN B 150 16.32 24.75 10.93
CA GLN B 150 17.59 25.34 10.49
C GLN B 150 18.76 24.81 11.31
N GLY B 151 18.58 24.67 12.62
CA GLY B 151 19.68 24.20 13.46
C GLY B 151 20.10 22.78 13.13
N VAL B 152 19.12 21.89 12.92
CA VAL B 152 19.43 20.51 12.56
C VAL B 152 20.13 20.47 11.19
N GLU B 153 19.67 21.29 10.26
CA GLU B 153 20.32 21.36 8.95
C GLU B 153 21.77 21.83 9.08
N GLU B 154 22.02 22.84 9.90
CA GLU B 154 23.38 23.32 10.10
C GLU B 154 24.26 22.24 10.73
N VAL B 155 23.74 21.54 11.74
CA VAL B 155 24.53 20.49 12.38
C VAL B 155 24.84 19.37 11.39
N LYS B 156 23.83 18.96 10.61
CA LYS B 156 24.03 17.88 9.65
C LYS B 156 25.03 18.27 8.58
N ARG B 157 24.97 19.53 8.12
CA ARG B 157 25.97 20.00 7.16
C ARG B 157 27.35 20.02 7.77
N ARG B 158 27.46 20.35 9.06
CA ARG B 158 28.75 20.28 9.74
C ARG B 158 29.25 18.85 9.87
N TRP B 159 28.34 17.88 9.89
CA TRP B 159 28.75 16.48 9.98
C TRP B 159 29.55 16.04 8.76
N TYR B 160 29.11 16.43 7.57
CA TYR B 160 29.64 15.90 6.32
C TYR B 160 30.50 16.93 5.61
N LYS B 161 31.39 16.45 4.74
CA LYS B 161 32.32 17.31 4.03
C LYS B 161 31.86 17.63 2.61
N THR B 162 31.38 16.63 1.87
CA THR B 162 31.11 16.81 0.45
C THR B 162 29.79 17.53 0.17
N GLU B 163 28.91 17.65 1.16
CA GLU B 163 27.66 18.39 1.07
C GLU B 163 26.64 17.72 0.17
N ASN B 164 27.05 16.66 -0.53
CA ASN B 164 26.09 15.78 -1.20
C ASN B 164 25.67 14.64 -0.29
N GLU B 165 26.57 14.20 0.59
CA GLU B 165 26.22 13.22 1.59
C GLU B 165 25.12 13.74 2.51
N TYR B 166 25.09 15.04 2.77
CA TYR B 166 24.00 15.61 3.56
C TYR B 166 22.67 15.50 2.83
N TYR B 167 22.66 15.75 1.53
CA TYR B 167 21.43 15.58 0.76
C TYR B 167 20.99 14.11 0.75
N LEU B 168 21.96 13.20 0.62
CA LEU B 168 21.63 11.78 0.68
C LEU B 168 21.02 11.42 2.03
N LEU B 169 21.59 11.94 3.11
CA LEU B 169 21.06 11.67 4.44
C LEU B 169 19.65 12.24 4.59
N GLN B 170 19.42 13.44 4.06
CA GLN B 170 18.09 14.03 4.15
C GLN B 170 17.06 13.18 3.40
N PHE B 171 17.41 12.72 2.20
CA PHE B 171 16.48 11.88 1.44
C PHE B 171 16.23 10.55 2.16
N THR B 172 17.30 9.95 2.70
CA THR B 172 17.16 8.69 3.42
C THR B 172 16.23 8.85 4.61
N LEU B 173 16.41 9.93 5.39
CA LEU B 173 15.56 10.15 6.54
C LEU B 173 14.11 10.42 6.12
N THR B 174 13.92 11.15 5.02
CA THR B 174 12.56 11.42 4.55
C THR B 174 11.84 10.14 4.16
N VAL B 175 12.54 9.20 3.51
CA VAL B 175 11.90 7.93 3.17
C VAL B 175 11.69 7.08 4.41
N ARG B 176 12.67 7.08 5.33
CA ARG B 176 12.51 6.35 6.58
C ARG B 176 11.29 6.82 7.34
N CYS B 177 10.97 8.11 7.24
CA CYS B 177 9.76 8.62 7.89
C CYS B 177 8.54 7.83 7.45
N LEU B 178 8.36 7.67 6.14
CA LEU B 178 7.24 6.89 5.65
C LEU B 178 7.34 5.44 6.09
N TYR B 179 8.54 4.87 6.05
CA TYR B 179 8.66 3.44 6.34
C TYR B 179 8.31 3.12 7.80
N TYR B 180 8.91 3.84 8.75
CA TYR B 180 8.58 3.55 10.14
C TYR B 180 7.20 4.06 10.51
N THR B 181 6.67 5.08 9.84
CA THR B 181 5.28 5.45 10.09
C THR B 181 4.32 4.34 9.68
N SER B 182 4.58 3.72 8.51
CA SER B 182 3.77 2.60 8.07
C SER B 182 3.86 1.45 9.05
N PHE B 183 5.08 1.11 9.48
CA PHE B 183 5.21 0.00 10.42
C PHE B 183 4.51 0.31 11.74
N SER B 184 4.65 1.52 12.26
CA SER B 184 4.04 1.87 13.54
C SER B 184 2.53 1.85 13.44
N LEU B 185 1.96 2.36 12.34
CA LEU B 185 0.51 2.30 12.19
C LEU B 185 0.02 0.87 12.08
N GLU B 186 0.78 0.02 11.36
CA GLU B 186 0.40 -1.39 11.29
C GLU B 186 0.44 -2.03 12.66
N LEU B 187 1.44 -1.68 13.48
CA LEU B 187 1.51 -2.20 14.84
C LEU B 187 0.33 -1.72 15.68
N CYS B 188 -0.06 -0.46 15.50
CA CYS B 188 -1.22 0.06 16.24
C CYS B 188 -2.50 -0.66 15.85
N TRP B 189 -2.67 -0.94 14.57
CA TRP B 189 -3.89 -1.59 14.10
C TRP B 189 -3.87 -3.09 14.25
N GLN B 190 -2.76 -3.69 14.68
CA GLN B 190 -2.66 -5.14 14.80
C GLN B 190 -3.51 -5.62 15.97
N GLN B 191 -4.45 -6.53 15.68
CA GLN B 191 -5.30 -7.12 16.70
C GLN B 191 -5.43 -8.63 16.53
N LEU B 192 -4.65 -9.24 15.66
CA LEU B 192 -4.76 -10.65 15.37
C LEU B 192 -3.67 -11.42 16.09
N PRO B 193 -3.98 -12.55 16.72
CA PRO B 193 -2.93 -13.32 17.42
C PRO B 193 -1.85 -13.84 16.49
N ALA B 194 -2.21 -14.19 15.25
CA ALA B 194 -1.22 -14.73 14.32
C ALA B 194 -0.15 -13.70 13.98
N ALA B 195 -0.50 -12.42 13.97
CA ALA B 195 0.43 -11.36 13.63
C ALA B 195 1.00 -10.66 14.85
N SER B 196 0.81 -11.22 16.05
CA SER B 196 1.31 -10.55 17.25
C SER B 196 2.83 -10.46 17.25
N THR B 197 3.51 -11.53 16.84
CA THR B 197 4.96 -11.57 16.84
C THR B 197 5.59 -11.01 15.58
N SER B 198 4.78 -10.62 14.59
CA SER B 198 5.34 -10.03 13.38
C SER B 198 5.80 -8.60 13.61
N TYR B 199 5.17 -7.90 14.55
CA TYR B 199 5.50 -6.50 14.85
C TYR B 199 6.40 -6.47 16.08
N SER B 200 7.68 -6.80 15.87
CA SER B 200 8.68 -6.74 16.91
C SER B 200 9.83 -5.86 16.42
N PHE B 201 10.68 -5.45 17.36
CA PHE B 201 11.76 -4.52 17.01
C PHE B 201 12.71 -5.06 15.96
N PRO B 202 13.19 -6.31 16.02
CA PRO B 202 14.05 -6.80 14.93
C PRO B 202 13.38 -6.76 13.57
N TRP B 203 12.08 -7.02 13.51
CA TRP B 203 11.37 -6.93 12.24
C TRP B 203 11.28 -5.48 11.77
N MET B 204 11.12 -4.54 12.68
CA MET B 204 11.12 -3.14 12.29
C MET B 204 12.49 -2.73 11.76
N LEU B 205 13.57 -3.21 12.39
CA LEU B 205 14.91 -2.91 11.91
C LEU B 205 15.13 -3.51 10.53
N ALA B 206 14.64 -4.72 10.29
CA ALA B 206 14.77 -5.33 8.98
C ALA B 206 13.97 -4.56 7.93
N TYR B 207 12.78 -4.09 8.30
CA TYR B 207 11.95 -3.35 7.36
C TYR B 207 12.58 -2.00 7.01
N VAL B 208 13.05 -1.27 8.02
CA VAL B 208 13.61 0.05 7.80
C VAL B 208 14.93 -0.04 7.04
N PHE B 209 15.81 -0.94 7.46
CA PHE B 209 17.15 -1.05 6.87
C PHE B 209 17.17 -2.01 5.68
N TYR B 210 16.27 -1.81 4.72
CA TYR B 210 16.25 -2.59 3.49
C TYR B 210 16.93 -1.75 2.42
N TYR B 211 18.09 -2.20 1.95
CA TYR B 211 18.94 -1.34 1.13
C TYR B 211 18.31 -0.88 -0.19
N PRO B 212 17.64 -1.73 -0.98
CA PRO B 212 17.13 -1.24 -2.27
C PRO B 212 16.25 0.00 -2.16
N VAL B 213 15.49 0.14 -1.08
CA VAL B 213 14.65 1.30 -0.86
C VAL B 213 15.16 2.14 0.31
N LEU B 214 16.42 1.95 0.69
CA LEU B 214 16.94 2.70 1.83
C LEU B 214 16.98 4.20 1.54
N HIS B 215 17.33 4.57 0.31
CA HIS B 215 17.59 5.97 -0.03
C HIS B 215 16.41 6.63 -0.74
N ASN B 216 15.94 6.06 -1.84
CA ASN B 216 14.93 6.71 -2.66
C ASN B 216 13.80 5.79 -3.12
N GLY B 217 13.97 4.48 -3.01
CA GLY B 217 13.07 3.52 -3.61
C GLY B 217 11.63 3.66 -3.18
N PRO B 218 10.73 3.00 -3.91
CA PRO B 218 9.30 3.14 -3.64
C PRO B 218 8.93 2.56 -2.29
N ILE B 219 7.84 3.08 -1.73
CA ILE B 219 7.35 2.59 -0.45
C ILE B 219 6.87 1.16 -0.63
N LEU B 220 7.46 0.24 0.12
CA LEU B 220 7.12 -1.18 0.07
C LEU B 220 6.20 -1.49 1.24
N SER B 221 5.00 -2.01 0.94
CA SER B 221 4.04 -2.32 1.98
C SER B 221 4.60 -3.34 2.96
N PHE B 222 4.42 -3.09 4.25
CA PHE B 222 4.97 -3.98 5.26
C PHE B 222 4.33 -5.36 5.21
N SER B 223 3.06 -5.43 4.81
CA SER B 223 2.40 -6.73 4.69
C SER B 223 3.11 -7.60 3.67
N GLU B 224 3.41 -7.04 2.50
CA GLU B 224 4.11 -7.81 1.47
C GLU B 224 5.52 -8.17 1.92
N PHE B 225 6.21 -7.24 2.59
CA PHE B 225 7.56 -7.51 3.06
C PHE B 225 7.57 -8.67 4.05
N ILE B 226 6.68 -8.64 5.04
CA ILE B 226 6.66 -9.69 6.04
C ILE B 226 6.17 -11.00 5.44
N LYS B 227 5.29 -10.94 4.44
CA LYS B 227 4.84 -12.17 3.79
C LYS B 227 5.97 -12.81 2.99
N GLN B 228 6.75 -12.01 2.28
CA GLN B 228 7.77 -12.56 1.39
C GLN B 228 9.05 -12.93 2.12
N MET B 229 9.35 -12.28 3.24
CA MET B 229 10.55 -12.66 3.99
C MET B 229 10.40 -14.01 4.69
N GLN B 230 9.20 -14.57 4.74
CA GLN B 230 8.96 -15.84 5.44
C GLN B 230 8.35 -16.91 4.53
N GLN B 231 8.48 -16.77 3.21
CA GLN B 231 7.97 -17.81 2.32
C GLN B 231 8.72 -19.11 2.46
N GLN B 232 10.05 -19.04 2.60
CA GLN B 232 10.91 -20.22 2.65
C GLN B 232 10.75 -21.07 1.39
N GLU B 233 10.54 -20.39 0.25
CA GLU B 233 10.41 -21.04 -1.05
C GLU B 233 11.43 -20.42 -1.99
N HIS B 234 12.29 -21.25 -2.56
CA HIS B 234 13.35 -20.74 -3.42
C HIS B 234 12.78 -20.22 -4.73
N ASP B 235 13.55 -19.34 -5.38
CA ASP B 235 13.11 -18.66 -6.59
C ASP B 235 13.72 -19.23 -7.86
N SER B 236 14.37 -20.39 -7.78
CA SER B 236 14.93 -21.06 -8.96
C SER B 236 15.95 -20.17 -9.68
N LEU B 237 17.09 -19.99 -9.01
CA LEU B 237 18.17 -19.09 -9.43
C LEU B 237 18.44 -19.09 -10.93
N LYS B 238 18.22 -20.23 -11.60
CA LYS B 238 18.34 -20.27 -13.05
C LYS B 238 17.39 -19.28 -13.70
N ALA B 239 16.16 -19.18 -13.19
CA ALA B 239 15.23 -18.18 -13.68
C ALA B 239 15.56 -16.79 -13.16
N SER B 240 16.16 -16.69 -11.98
CA SER B 240 16.55 -15.39 -11.45
C SER B 240 17.62 -14.73 -12.32
N LEU B 241 18.52 -15.54 -12.91
CA LEU B 241 19.50 -14.98 -13.82
C LEU B 241 18.83 -14.36 -15.05
N CYS B 242 17.83 -15.04 -15.60
CA CYS B 242 17.09 -14.49 -16.74
C CYS B 242 16.35 -13.22 -16.35
N VAL B 243 15.73 -13.21 -15.17
CA VAL B 243 15.05 -12.03 -14.70
C VAL B 243 16.02 -10.86 -14.58
N LEU B 244 17.20 -11.11 -14.01
CA LEU B 244 18.21 -10.06 -13.89
C LEU B 244 18.66 -9.56 -15.25
N ALA B 245 18.87 -10.47 -16.20
CA ALA B 245 19.31 -10.06 -17.53
C ALA B 245 18.27 -9.18 -18.21
N LEU B 246 17.01 -9.60 -18.18
CA LEU B 246 15.96 -8.79 -18.81
C LEU B 246 15.82 -7.44 -18.12
N GLY B 247 15.86 -7.42 -16.79
CA GLY B 247 15.75 -6.16 -16.08
C GLY B 247 16.90 -5.21 -16.41
N LEU B 248 18.13 -5.74 -16.46
CA LEU B 248 19.27 -4.90 -16.78
C LEU B 248 19.19 -4.36 -18.20
N GLY B 249 18.76 -5.19 -19.15
CA GLY B 249 18.58 -4.69 -20.51
C GLY B 249 17.56 -3.58 -20.58
N ARG B 250 16.42 -3.77 -19.93
CA ARG B 250 15.38 -2.74 -19.94
C ARG B 250 15.87 -1.46 -19.27
N LEU B 251 16.57 -1.58 -18.15
CA LEU B 251 17.07 -0.40 -17.44
C LEU B 251 18.09 0.35 -18.29
N LEU B 252 18.97 -0.38 -18.97
CA LEU B 252 19.94 0.28 -19.85
C LEU B 252 19.22 1.02 -20.97
N CYS B 253 18.19 0.40 -21.54
CA CYS B 253 17.43 1.07 -22.59
C CYS B 253 16.77 2.34 -22.08
N TRP B 254 16.17 2.27 -20.88
CA TRP B 254 15.53 3.45 -20.30
C TRP B 254 16.54 4.55 -20.02
N TRP B 255 17.70 4.19 -19.49
CA TRP B 255 18.74 5.19 -19.23
C TRP B 255 19.22 5.83 -20.51
N TRP B 256 19.40 5.03 -21.56
CA TRP B 256 19.82 5.60 -22.84
C TRP B 256 18.76 6.55 -23.39
N LEU B 257 17.48 6.19 -23.27
CA LEU B 257 16.43 7.08 -23.73
C LEU B 257 16.43 8.40 -22.95
N ALA B 258 16.60 8.32 -21.62
CA ALA B 258 16.64 9.52 -20.81
C ALA B 258 17.82 10.41 -21.19
N GLU B 259 18.99 9.81 -21.41
CA GLU B 259 20.16 10.60 -21.81
C GLU B 259 19.96 11.23 -23.18
N LEU B 260 19.39 10.48 -24.13
CA LEU B 260 19.10 11.05 -25.44
C LEU B 260 18.16 12.25 -25.34
N MET B 261 17.08 12.10 -24.58
CA MET B 261 16.08 13.16 -24.53
C MET B 261 16.50 14.32 -23.64
N ALA B 262 17.50 14.13 -22.79
CA ALA B 262 18.14 15.27 -22.12
C ALA B 262 19.19 15.93 -23.01
N HIS B 263 19.84 15.17 -23.89
CA HIS B 263 20.85 15.74 -24.77
C HIS B 263 20.21 16.58 -25.87
N LEU B 264 19.14 16.07 -26.48
CA LEU B 264 18.57 16.74 -27.65
C LEU B 264 18.00 18.10 -27.30
N MET B 265 17.29 18.20 -26.18
CA MET B 265 16.60 19.43 -25.81
C MET B 265 16.93 19.80 -24.37
N TYR B 266 17.22 21.08 -24.13
CA TYR B 266 17.56 21.57 -22.80
C TYR B 266 16.31 22.10 -22.14
N MET B 267 15.54 21.17 -21.57
CA MET B 267 14.31 21.51 -20.88
C MET B 267 14.58 22.31 -19.61
N HIS B 268 15.46 21.80 -18.77
CA HIS B 268 15.68 22.38 -17.45
C HIS B 268 16.39 23.72 -17.56
N ALA B 269 17.32 23.86 -18.50
CA ALA B 269 17.96 25.14 -18.72
C ALA B 269 16.95 26.19 -19.17
N ILE B 270 15.99 25.79 -20.00
CA ILE B 270 14.98 26.75 -20.48
C ILE B 270 14.05 27.16 -19.34
N TYR B 271 13.57 26.20 -18.55
CA TYR B 271 12.74 26.59 -17.40
C TYR B 271 13.52 27.42 -16.38
N SER B 272 14.81 27.16 -16.22
CA SER B 272 15.59 27.97 -15.27
C SER B 272 15.71 29.40 -15.74
N SER B 273 15.69 29.64 -17.05
CA SER B 273 15.73 30.99 -17.62
C SER B 273 14.31 31.41 -17.96
N ILE B 274 13.63 32.02 -16.99
CA ILE B 274 12.26 32.48 -17.22
C ILE B 274 12.15 33.45 -18.39
N PRO B 275 13.06 34.43 -18.57
CA PRO B 275 12.91 35.33 -19.72
C PRO B 275 12.87 34.63 -21.07
N LEU B 276 13.55 33.48 -21.21
CA LEU B 276 13.52 32.78 -22.47
C LEU B 276 12.17 32.14 -22.75
N LEU B 277 11.41 31.81 -21.70
CA LEU B 277 10.08 31.23 -21.91
C LEU B 277 9.15 32.20 -22.60
N GLU B 278 9.22 33.48 -22.24
CA GLU B 278 8.36 34.48 -22.87
C GLU B 278 8.70 34.64 -24.35
N THR B 279 9.97 34.54 -24.71
CA THR B 279 10.38 34.77 -26.08
C THR B 279 9.96 33.62 -27.00
N VAL B 280 10.12 32.38 -26.54
CA VAL B 280 9.89 31.22 -27.41
C VAL B 280 8.42 31.12 -27.77
N SER B 281 8.14 30.49 -28.90
CA SER B 281 6.79 30.42 -29.43
C SER B 281 5.94 29.44 -28.62
N CYS B 282 4.63 29.48 -28.88
CA CYS B 282 3.69 28.63 -28.14
C CYS B 282 3.94 27.15 -28.43
N TRP B 283 4.31 26.82 -29.67
CA TRP B 283 4.68 25.45 -29.98
C TRP B 283 5.82 24.98 -29.08
N THR B 284 6.81 25.84 -28.86
CA THR B 284 7.90 25.49 -27.96
C THR B 284 7.40 25.34 -26.53
N LEU B 285 6.41 26.13 -26.12
CA LEU B 285 5.86 25.99 -24.78
C LEU B 285 5.22 24.62 -24.61
N GLY B 286 4.38 24.21 -25.56
CA GLY B 286 3.77 22.90 -25.47
C GLY B 286 4.78 21.78 -25.52
N GLY B 287 5.79 21.92 -26.38
CA GLY B 287 6.83 20.91 -26.45
C GLY B 287 7.62 20.80 -25.17
N LEU B 288 7.92 21.94 -24.55
CA LEU B 288 8.62 21.92 -23.27
C LEU B 288 7.79 21.24 -22.20
N ALA B 289 6.48 21.53 -22.15
CA ALA B 289 5.63 20.89 -21.16
C ALA B 289 5.62 19.37 -21.35
N LEU B 290 5.36 18.92 -22.58
CA LEU B 290 5.30 17.49 -22.84
C LEU B 290 6.64 16.82 -22.58
N ALA B 291 7.73 17.44 -23.03
CA ALA B 291 9.05 16.84 -22.85
C ALA B 291 9.42 16.79 -21.38
N GLN B 292 9.05 17.82 -20.60
CA GLN B 292 9.38 17.82 -19.17
C GLN B 292 8.62 16.72 -18.43
N VAL B 293 7.32 16.59 -18.70
CA VAL B 293 6.58 15.53 -18.00
C VAL B 293 7.07 14.15 -18.44
N LEU B 294 7.39 13.99 -19.73
CA LEU B 294 7.90 12.71 -20.19
C LEU B 294 9.27 12.40 -19.62
N PHE B 295 10.11 13.43 -19.43
CA PHE B 295 11.42 13.20 -18.86
C PHE B 295 11.33 12.86 -17.39
N PHE B 296 10.40 13.49 -16.67
CA PHE B 296 10.18 13.07 -15.29
C PHE B 296 9.73 11.62 -15.25
N TYR B 297 8.85 11.23 -16.15
CA TYR B 297 8.39 9.85 -16.20
C TYR B 297 9.54 8.89 -16.46
N VAL B 298 10.39 9.20 -17.43
CA VAL B 298 11.49 8.29 -17.78
C VAL B 298 12.53 8.25 -16.67
N LYS B 299 12.83 9.41 -16.07
CA LYS B 299 13.78 9.46 -14.97
C LYS B 299 13.30 8.61 -13.81
N TYR B 300 12.01 8.67 -13.50
CA TYR B 300 11.53 7.85 -12.39
C TYR B 300 11.36 6.39 -12.78
N LEU B 301 11.16 6.09 -14.06
CA LEU B 301 11.29 4.70 -14.50
C LEU B 301 12.68 4.17 -14.18
N VAL B 302 13.71 4.94 -14.51
CA VAL B 302 15.08 4.49 -14.23
C VAL B 302 15.32 4.40 -12.73
N LEU B 303 14.85 5.39 -11.97
CA LEU B 303 15.13 5.44 -10.53
C LEU B 303 14.29 4.46 -9.73
N PHE B 304 13.22 3.90 -10.31
CA PHE B 304 12.41 2.91 -9.62
C PHE B 304 12.60 1.50 -10.16
N GLY B 305 13.16 1.33 -11.36
CA GLY B 305 13.40 -0.01 -11.86
C GLY B 305 14.45 -0.74 -11.07
N VAL B 306 15.50 -0.05 -10.64
CA VAL B 306 16.57 -0.70 -9.88
C VAL B 306 16.06 -1.27 -8.55
N PRO B 307 15.34 -0.50 -7.71
CA PRO B 307 14.70 -1.15 -6.56
C PRO B 307 13.70 -2.23 -6.95
N ALA B 308 12.94 -2.01 -8.04
CA ALA B 308 12.01 -3.04 -8.50
C ALA B 308 12.75 -4.29 -8.95
N LEU B 309 13.85 -4.13 -9.68
CA LEU B 309 14.63 -5.27 -10.11
C LEU B 309 15.20 -6.02 -8.92
N LEU B 310 15.71 -5.28 -7.93
CA LEU B 310 16.27 -5.93 -6.75
C LEU B 310 15.20 -6.67 -5.96
N MET B 311 13.99 -6.10 -5.87
CA MET B 311 12.90 -6.83 -5.24
C MET B 311 12.56 -8.10 -6.01
N ARG B 312 12.48 -8.01 -7.34
CA ARG B 312 12.11 -9.18 -8.13
C ARG B 312 13.14 -10.29 -7.98
N LEU B 313 14.42 -9.94 -7.91
CA LEU B 313 15.42 -10.94 -7.58
C LEU B 313 15.24 -11.46 -6.15
N ASP B 314 14.87 -10.59 -5.22
CA ASP B 314 14.71 -10.99 -3.83
C ASP B 314 13.44 -11.79 -3.58
N GLY B 315 12.55 -11.91 -4.57
CA GLY B 315 11.30 -12.60 -4.41
C GLY B 315 10.13 -11.71 -4.06
N LEU B 316 10.39 -10.47 -3.64
CA LEU B 316 9.32 -9.52 -3.38
C LEU B 316 8.59 -9.17 -4.66
N THR B 317 7.36 -8.70 -4.51
CA THR B 317 6.64 -8.12 -5.65
C THR B 317 6.66 -6.60 -5.51
N PRO B 318 7.38 -5.89 -6.38
CA PRO B 318 7.48 -4.44 -6.23
C PRO B 318 6.19 -3.77 -6.65
N PRO B 319 5.93 -2.54 -6.16
CA PRO B 319 4.80 -1.78 -6.69
C PRO B 319 4.99 -1.51 -8.17
N ALA B 320 3.86 -1.43 -8.88
CA ALA B 320 3.89 -1.29 -10.33
C ALA B 320 4.66 -0.03 -10.74
N LEU B 321 5.45 -0.16 -11.80
CA LEU B 321 6.21 0.97 -12.30
C LEU B 321 5.25 2.02 -12.88
N PRO B 322 5.70 3.28 -12.94
CA PRO B 322 4.82 4.34 -13.46
C PRO B 322 4.38 4.05 -14.89
N ARG B 323 3.11 4.34 -15.16
CA ARG B 323 2.61 4.26 -16.52
C ARG B 323 2.98 5.51 -17.30
N CYS B 324 3.05 5.37 -18.62
CA CYS B 324 3.47 6.49 -19.46
C CYS B 324 2.51 7.67 -19.29
N VAL B 325 3.08 8.85 -19.06
CA VAL B 325 2.26 10.03 -18.80
C VAL B 325 1.53 10.48 -20.06
N SER B 326 1.96 10.03 -21.24
CA SER B 326 1.18 10.28 -22.45
C SER B 326 -0.08 9.42 -22.50
N THR B 327 -0.22 8.44 -21.60
CA THR B 327 -1.48 7.75 -21.45
C THR B 327 -2.43 8.49 -20.52
N MET B 328 -1.87 9.23 -19.55
CA MET B 328 -2.68 9.82 -18.50
C MET B 328 -3.60 10.88 -19.07
N PHE B 329 -4.82 10.94 -18.54
CA PHE B 329 -5.79 11.92 -18.99
C PHE B 329 -6.63 12.54 -17.88
N SER B 330 -6.34 12.24 -16.61
CA SER B 330 -7.14 12.78 -15.51
C SER B 330 -6.32 12.73 -14.24
N PHE B 331 -6.77 13.51 -13.25
CA PHE B 331 -6.06 13.59 -11.98
C PHE B 331 -6.08 12.25 -11.26
N THR B 332 -7.26 11.63 -11.17
CA THR B 332 -7.39 10.36 -10.46
C THR B 332 -6.56 9.28 -11.13
N GLY B 333 -6.58 9.21 -12.46
CA GLY B 333 -5.76 8.24 -13.15
C GLY B 333 -4.27 8.46 -12.91
N MET B 334 -3.84 9.72 -12.97
CA MET B 334 -2.43 10.02 -12.73
C MET B 334 -2.01 9.62 -11.34
N TRP B 335 -2.84 9.87 -10.34
CA TRP B 335 -2.47 9.49 -8.99
C TRP B 335 -2.49 7.99 -8.80
N ARG B 336 -3.49 7.32 -9.38
CA ARG B 336 -3.61 5.87 -9.18
C ARG B 336 -2.47 5.11 -9.84
N TYR B 337 -2.05 5.54 -11.03
CA TYR B 337 -1.19 4.70 -11.85
C TYR B 337 0.24 5.18 -11.98
N PHE B 338 0.57 6.40 -11.56
CA PHE B 338 1.95 6.86 -11.69
C PHE B 338 2.83 6.34 -10.56
N ASP B 339 2.59 6.82 -9.34
CA ASP B 339 3.40 6.45 -8.19
C ASP B 339 2.55 5.51 -7.33
N VAL B 340 2.67 4.22 -7.60
CA VAL B 340 1.76 3.25 -7.01
C VAL B 340 2.03 3.10 -5.51
N GLY B 341 3.31 3.01 -5.12
CA GLY B 341 3.62 2.77 -3.73
C GLY B 341 3.18 3.90 -2.81
N LEU B 342 3.48 5.14 -3.19
CA LEU B 342 3.09 6.27 -2.37
C LEU B 342 1.58 6.46 -2.37
N HIS B 343 0.91 6.18 -3.49
CA HIS B 343 -0.54 6.26 -3.52
C HIS B 343 -1.16 5.23 -2.59
N ASN B 344 -0.63 4.00 -2.59
CA ASN B 344 -1.13 2.99 -1.68
C ASN B 344 -0.90 3.39 -0.23
N PHE B 345 0.27 3.96 0.07
CA PHE B 345 0.54 4.43 1.41
C PHE B 345 -0.44 5.52 1.83
N LEU B 346 -0.71 6.47 0.94
CA LEU B 346 -1.62 7.56 1.25
C LEU B 346 -3.04 7.04 1.47
N ILE B 347 -3.47 6.09 0.64
CA ILE B 347 -4.81 5.53 0.80
C ILE B 347 -4.93 4.78 2.11
N ARG B 348 -3.94 3.94 2.42
CA ARG B 348 -4.05 3.06 3.58
C ARG B 348 -3.84 3.80 4.90
N TYR B 349 -2.85 4.71 4.96
CA TYR B 349 -2.39 5.25 6.23
C TYR B 349 -2.74 6.71 6.45
N VAL B 350 -3.21 7.42 5.42
CA VAL B 350 -3.59 8.83 5.55
C VAL B 350 -5.03 9.07 5.15
N TYR B 351 -5.45 8.48 4.02
CA TYR B 351 -6.80 8.70 3.53
C TYR B 351 -7.84 7.99 4.38
N ILE B 352 -7.73 6.66 4.49
CA ILE B 352 -8.75 5.89 5.20
C ILE B 352 -8.85 6.25 6.68
N PRO B 353 -7.75 6.28 7.45
CA PRO B 353 -7.90 6.54 8.90
C PRO B 353 -8.55 7.88 9.23
N VAL B 354 -8.31 8.92 8.43
CA VAL B 354 -9.02 10.18 8.64
C VAL B 354 -10.50 10.00 8.34
N GLY B 355 -10.84 9.05 7.46
CA GLY B 355 -12.22 8.81 7.11
C GLY B 355 -12.47 9.09 5.64
N GLY B 356 -12.84 8.05 4.88
CA GLY B 356 -13.01 8.22 3.46
C GLY B 356 -14.37 8.77 3.10
N SER B 357 -15.09 8.09 2.21
CA SER B 357 -16.41 8.55 1.80
C SER B 357 -17.49 8.27 2.84
N GLN B 358 -17.16 7.52 3.89
CA GLN B 358 -18.16 7.13 4.88
C GLN B 358 -18.79 8.33 5.59
N HIS B 359 -18.14 9.49 5.56
CA HIS B 359 -18.67 10.68 6.21
C HIS B 359 -19.33 11.64 5.22
N GLY B 360 -19.55 11.21 3.98
CA GLY B 360 -20.21 12.04 3.00
C GLY B 360 -19.24 12.95 2.26
N LEU B 361 -19.79 13.61 1.24
CA LEU B 361 -18.97 14.35 0.29
C LEU B 361 -18.07 15.35 1.02
N LEU B 362 -18.66 16.20 1.87
CA LEU B 362 -17.86 17.16 2.63
C LEU B 362 -16.72 16.46 3.35
N GLY B 363 -17.03 15.39 4.10
CA GLY B 363 -15.97 14.66 4.78
C GLY B 363 -14.92 14.17 3.80
N THR B 364 -15.36 13.61 2.67
CA THR B 364 -14.42 13.18 1.65
C THR B 364 -13.46 14.30 1.29
N LEU B 365 -14.00 15.51 1.05
CA LEU B 365 -13.15 16.63 0.71
C LEU B 365 -12.06 16.80 1.76
N PHE B 366 -12.46 16.88 3.03
CA PHE B 366 -11.47 17.03 4.09
C PHE B 366 -10.41 15.95 4.00
N SER B 367 -10.86 14.69 3.89
CA SER B 367 -9.90 13.59 3.79
C SER B 367 -8.93 13.84 2.66
N THR B 368 -9.45 14.11 1.47
CA THR B 368 -8.57 14.36 0.33
C THR B 368 -7.61 15.48 0.66
N ALA B 369 -8.13 16.60 1.15
CA ALA B 369 -7.26 17.72 1.50
C ALA B 369 -6.16 17.27 2.43
N MET B 370 -6.53 16.57 3.50
CA MET B 370 -5.52 16.13 4.46
C MET B 370 -4.44 15.33 3.75
N THR B 371 -4.85 14.34 2.94
CA THR B 371 -3.87 13.52 2.23
C THR B 371 -2.94 14.41 1.43
N PHE B 372 -3.51 15.31 0.62
CA PHE B 372 -2.67 16.15 -0.22
C PHE B 372 -1.76 17.00 0.65
N ALA B 373 -2.30 17.57 1.72
CA ALA B 373 -1.45 18.37 2.59
C ALA B 373 -0.21 17.58 2.98
N PHE B 374 -0.41 16.36 3.47
CA PHE B 374 0.73 15.59 3.95
C PHE B 374 1.75 15.38 2.84
N VAL B 375 1.28 15.02 1.64
CA VAL B 375 2.25 14.69 0.61
C VAL B 375 3.06 15.92 0.25
N SER B 376 2.40 17.09 0.21
CA SER B 376 3.17 18.30 -0.03
C SER B 376 4.18 18.52 1.09
N TYR B 377 3.73 18.38 2.33
CA TYR B 377 4.64 18.53 3.46
C TYR B 377 5.70 17.44 3.44
N TRP B 378 5.43 16.32 2.77
CA TRP B 378 6.43 15.28 2.68
C TRP B 378 7.52 15.66 1.68
N HIS B 379 7.14 16.36 0.60
CA HIS B 379 8.13 16.67 -0.42
C HIS B 379 8.98 17.87 -0.07
N GLY B 380 8.66 18.58 1.01
CA GLY B 380 9.42 19.75 1.41
C GLY B 380 8.54 20.86 1.93
N GLY B 381 7.29 20.90 1.46
CA GLY B 381 6.37 21.94 1.87
C GLY B 381 6.75 23.34 1.42
N TYR B 382 7.33 23.47 0.23
CA TYR B 382 7.66 24.76 -0.32
C TYR B 382 6.42 25.43 -0.88
N ASP B 383 6.52 26.75 -1.13
CA ASP B 383 5.36 27.51 -1.58
C ASP B 383 4.84 26.99 -2.91
N TYR B 384 5.74 26.68 -3.84
CA TYR B 384 5.30 26.13 -5.13
C TYR B 384 4.68 24.76 -4.94
N LEU B 385 5.22 23.96 -4.01
CA LEU B 385 4.62 22.66 -3.72
C LEU B 385 3.24 22.81 -3.11
N TRP B 386 3.05 23.81 -2.23
CA TRP B 386 1.73 24.04 -1.66
C TRP B 386 0.73 24.49 -2.73
N CYS B 387 1.18 25.33 -3.66
CA CYS B 387 0.30 25.74 -4.76
C CYS B 387 -0.05 24.54 -5.64
N TRP B 388 0.93 23.67 -5.91
CA TRP B 388 0.65 22.47 -6.69
C TRP B 388 -0.33 21.56 -5.97
N ALA B 389 -0.18 21.41 -4.66
CA ALA B 389 -1.11 20.58 -3.89
C ALA B 389 -2.51 21.16 -3.90
N ALA B 390 -2.63 22.47 -3.75
CA ALA B 390 -3.96 23.10 -3.76
C ALA B 390 -4.63 22.94 -5.12
N LEU B 391 -3.89 23.21 -6.20
CA LEU B 391 -4.44 23.04 -7.54
C LEU B 391 -4.82 21.59 -7.80
N ASN B 392 -3.98 20.66 -7.35
CA ASN B 392 -4.23 19.25 -7.58
C ASN B 392 -5.45 18.77 -6.80
N TRP B 393 -5.61 19.25 -5.57
CA TRP B 393 -6.80 18.90 -4.79
C TRP B 393 -8.05 19.47 -5.43
N LEU B 394 -7.99 20.71 -5.95
CA LEU B 394 -9.13 21.26 -6.67
C LEU B 394 -9.48 20.39 -7.86
N GLY B 395 -8.47 19.94 -8.61
CA GLY B 395 -8.74 19.10 -9.76
C GLY B 395 -9.38 17.77 -9.39
N VAL B 396 -8.84 17.11 -8.36
CA VAL B 396 -9.38 15.82 -7.94
C VAL B 396 -10.81 15.98 -7.44
N THR B 397 -11.06 17.04 -6.66
CA THR B 397 -12.41 17.28 -6.14
C THR B 397 -13.39 17.54 -7.26
N VAL B 398 -12.99 18.33 -8.27
CA VAL B 398 -13.89 18.59 -9.38
C VAL B 398 -14.17 17.31 -10.16
N GLU B 399 -13.15 16.49 -10.39
CA GLU B 399 -13.36 15.22 -11.09
C GLU B 399 -14.34 14.34 -10.33
N ASN B 400 -14.14 14.20 -9.02
CA ASN B 400 -15.04 13.36 -8.23
C ASN B 400 -16.45 13.90 -8.23
N GLY B 401 -16.61 15.22 -8.08
CA GLY B 401 -17.93 15.80 -8.08
C GLY B 401 -18.66 15.61 -9.40
N VAL B 402 -17.96 15.81 -10.52
CA VAL B 402 -18.60 15.63 -11.82
C VAL B 402 -18.95 14.17 -12.04
N ARG B 403 -18.06 13.25 -11.66
CA ARG B 403 -18.36 11.83 -11.84
C ARG B 403 -19.56 11.42 -11.00
N ARG B 404 -19.65 11.91 -9.77
CA ARG B 404 -20.82 11.62 -8.94
C ARG B 404 -22.09 12.20 -9.54
N LEU B 405 -22.01 13.44 -10.06
CA LEU B 405 -23.19 14.08 -10.62
C LEU B 405 -23.70 13.35 -11.87
N VAL B 406 -22.79 12.95 -12.75
CA VAL B 406 -23.21 12.34 -14.01
C VAL B 406 -23.70 10.91 -13.79
N GLU B 407 -23.22 10.24 -12.74
CA GLU B 407 -23.56 8.84 -12.51
C GLU B 407 -24.86 8.66 -11.75
N THR B 408 -25.58 9.73 -11.47
CA THR B 408 -26.91 9.59 -10.87
C THR B 408 -27.84 8.88 -11.86
N PRO B 409 -28.73 8.01 -11.37
CA PRO B 409 -29.55 7.22 -12.31
C PRO B 409 -30.40 8.05 -13.26
N CYS B 410 -30.96 9.17 -12.78
CA CYS B 410 -31.80 9.99 -13.64
C CYS B 410 -30.98 10.59 -14.78
N ILE B 411 -29.84 11.21 -14.45
CA ILE B 411 -29.02 11.84 -15.48
C ILE B 411 -28.40 10.78 -16.39
N GLN B 412 -28.01 9.64 -15.83
CA GLN B 412 -27.46 8.57 -16.66
C GLN B 412 -28.49 8.07 -17.67
N ASP B 413 -29.73 7.85 -17.22
CA ASP B 413 -30.78 7.43 -18.14
C ASP B 413 -31.06 8.51 -19.18
N SER B 414 -31.07 9.77 -18.77
CA SER B 414 -31.33 10.85 -19.71
C SER B 414 -30.24 10.93 -20.79
N LEU B 415 -28.97 10.81 -20.40
CA LEU B 415 -27.90 10.90 -21.38
C LEU B 415 -27.87 9.65 -22.26
N ALA B 416 -28.23 8.49 -21.72
CA ALA B 416 -28.33 7.30 -22.55
C ALA B 416 -29.45 7.44 -23.58
N ARG B 417 -30.56 8.06 -23.19
CA ARG B 417 -31.69 8.20 -24.10
C ARG B 417 -31.41 9.25 -25.18
N TYR B 418 -30.77 10.37 -24.80
CA TYR B 418 -30.57 11.44 -25.77
C TYR B 418 -29.69 11.01 -26.94
N PHE B 419 -28.55 10.36 -26.65
CA PHE B 419 -27.59 10.07 -27.70
C PHE B 419 -26.90 8.74 -27.45
N SER B 420 -26.25 8.25 -28.50
CA SER B 420 -25.60 6.96 -28.48
C SER B 420 -24.36 7.00 -27.60
N PRO B 421 -23.85 5.84 -27.18
CA PRO B 421 -22.61 5.82 -26.39
C PRO B 421 -21.40 6.40 -27.11
N GLN B 422 -21.43 6.48 -28.45
CA GLN B 422 -20.35 7.16 -29.16
C GLN B 422 -20.30 8.64 -28.79
N ALA B 423 -21.46 9.30 -28.76
CA ALA B 423 -21.50 10.71 -28.37
C ALA B 423 -21.10 10.87 -26.91
N ARG B 424 -21.50 9.93 -26.05
CA ARG B 424 -21.08 9.98 -24.66
C ARG B 424 -19.57 9.86 -24.54
N ARG B 425 -18.96 8.98 -25.34
CA ARG B 425 -17.51 8.86 -25.34
C ARG B 425 -16.85 10.14 -25.81
N ARG B 426 -17.38 10.76 -26.87
CA ARG B 426 -16.79 12.00 -27.36
C ARG B 426 -16.89 13.11 -26.32
N PHE B 427 -18.03 13.22 -25.65
CA PHE B 427 -18.17 14.25 -24.62
C PHE B 427 -17.26 13.97 -23.43
N HIS B 428 -17.13 12.70 -23.05
CA HIS B 428 -16.22 12.36 -21.96
C HIS B 428 -14.78 12.69 -22.33
N ALA B 429 -14.40 12.44 -23.57
CA ALA B 429 -13.05 12.76 -24.01
C ALA B 429 -12.81 14.26 -24.03
N ALA B 430 -13.79 15.04 -24.48
CA ALA B 430 -13.65 16.49 -24.45
C ALA B 430 -13.51 17.01 -23.03
N LEU B 431 -14.32 16.48 -22.11
CA LEU B 431 -14.22 16.89 -20.71
C LEU B 431 -12.86 16.50 -20.13
N ALA B 432 -12.39 15.30 -20.44
CA ALA B 432 -11.10 14.87 -19.90
C ALA B 432 -9.95 15.67 -20.51
N SER B 433 -10.13 16.15 -21.74
CA SER B 433 -9.13 17.05 -22.31
C SER B 433 -9.11 18.39 -21.57
N CYS B 434 -10.30 18.94 -21.29
CA CYS B 434 -10.36 20.15 -20.49
C CYS B 434 -9.76 19.96 -19.11
N SER B 435 -9.84 18.75 -18.56
CA SER B 435 -9.24 18.43 -17.27
C SER B 435 -7.72 18.27 -17.35
N THR B 436 -7.24 17.56 -18.37
CA THR B 436 -5.80 17.37 -18.50
C THR B 436 -5.09 18.64 -18.91
N SER B 437 -5.79 19.59 -19.53
CA SER B 437 -5.19 20.88 -19.81
C SER B 437 -4.79 21.62 -18.54
N MET B 438 -5.48 21.36 -17.42
CA MET B 438 -5.08 21.89 -16.13
C MET B 438 -4.20 20.92 -15.36
N LEU B 439 -4.35 19.61 -15.61
CA LEU B 439 -3.45 18.64 -14.97
C LEU B 439 -2.01 18.89 -15.38
N ILE B 440 -1.78 19.14 -16.67
CA ILE B 440 -0.41 19.37 -17.14
C ILE B 440 0.13 20.68 -16.57
N LEU B 441 -0.72 21.69 -16.42
CA LEU B 441 -0.28 22.95 -15.83
C LEU B 441 0.09 22.76 -14.36
N SER B 442 -0.72 21.99 -13.62
CA SER B 442 -0.39 21.70 -12.23
C SER B 442 0.93 20.95 -12.12
N ASN B 443 1.15 19.97 -12.99
CA ASN B 443 2.41 19.23 -12.95
C ASN B 443 3.59 20.10 -13.35
N LEU B 444 3.37 21.06 -14.27
CA LEU B 444 4.42 22.01 -14.58
C LEU B 444 4.76 22.89 -13.38
N VAL B 445 3.74 23.34 -12.65
CA VAL B 445 3.99 24.08 -11.42
C VAL B 445 4.80 23.23 -10.46
N PHE B 446 4.48 21.93 -10.37
CA PHE B 446 5.25 21.04 -9.50
C PHE B 446 6.69 20.93 -9.96
N LEU B 447 6.93 20.89 -11.27
CA LEU B 447 8.27 20.70 -11.81
C LEU B 447 8.99 22.03 -12.04
N GLY B 448 8.43 22.89 -12.88
CA GLY B 448 9.09 24.14 -13.19
C GLY B 448 9.14 25.10 -12.02
N GLY B 449 8.06 25.20 -11.27
CA GLY B 449 7.94 26.15 -10.19
C GLY B 449 6.80 27.12 -10.41
N ASN B 450 6.66 28.05 -9.45
CA ASN B 450 5.57 29.01 -9.53
C ASN B 450 5.71 29.90 -10.76
N GLU B 451 6.92 30.36 -11.05
CA GLU B 451 7.11 31.26 -12.20
C GLU B 451 6.80 30.56 -13.51
N VAL B 452 7.22 29.30 -13.65
CA VAL B 452 6.97 28.56 -14.88
C VAL B 452 5.48 28.34 -15.08
N GLY B 453 4.79 27.94 -14.02
CA GLY B 453 3.36 27.74 -14.13
C GLY B 453 2.61 29.02 -14.45
N LYS B 454 3.02 30.12 -13.81
CA LYS B 454 2.39 31.41 -14.09
C LYS B 454 2.63 31.83 -15.54
N THR B 455 3.85 31.61 -16.05
CA THR B 455 4.14 31.94 -17.44
C THR B 455 3.30 31.11 -18.39
N TYR B 456 3.17 29.82 -18.13
CA TYR B 456 2.34 28.98 -18.99
C TYR B 456 0.88 29.42 -18.94
N TRP B 457 0.38 29.74 -17.74
CA TRP B 457 -1.00 30.18 -17.62
C TRP B 457 -1.23 31.48 -18.38
N ASN B 458 -0.29 32.43 -18.28
CA ASN B 458 -0.46 33.71 -18.95
C ASN B 458 -0.39 33.55 -20.47
N ARG B 459 0.63 32.85 -20.97
CA ARG B 459 0.85 32.80 -22.41
C ARG B 459 -0.16 31.88 -23.09
N ILE B 460 -0.35 30.67 -22.57
CA ILE B 460 -1.22 29.70 -23.23
C ILE B 460 -2.68 30.12 -23.12
N PHE B 461 -3.11 30.55 -21.94
CA PHE B 461 -4.52 30.74 -21.66
C PHE B 461 -4.97 32.19 -21.73
N ILE B 462 -4.30 33.10 -21.01
CA ILE B 462 -4.77 34.47 -20.89
C ILE B 462 -4.38 35.28 -22.13
N GLN B 463 -3.08 35.35 -22.40
CA GLN B 463 -2.60 36.19 -23.49
C GLN B 463 -3.11 35.70 -24.84
N GLY B 464 -3.11 34.38 -25.05
CA GLY B 464 -3.46 33.84 -26.35
C GLY B 464 -4.72 33.00 -26.37
N TRP B 465 -5.77 33.46 -25.68
CA TRP B 465 -7.01 32.67 -25.63
C TRP B 465 -7.66 32.42 -26.98
N PRO B 466 -7.82 33.42 -27.87
CA PRO B 466 -8.70 33.19 -29.03
C PRO B 466 -8.36 31.99 -29.88
N TRP B 467 -7.07 31.70 -30.10
CA TRP B 467 -6.75 30.59 -31.00
C TRP B 467 -5.75 29.61 -30.40
N VAL B 468 -4.84 30.09 -29.54
CA VAL B 468 -3.86 29.18 -28.95
C VAL B 468 -4.53 28.24 -27.96
N THR B 469 -5.43 28.78 -27.12
CA THR B 469 -6.13 27.94 -26.16
C THR B 469 -6.99 26.89 -26.87
N LEU B 470 -7.69 27.30 -27.93
CA LEU B 470 -8.54 26.36 -28.66
C LEU B 470 -7.70 25.27 -29.32
N SER B 471 -6.56 25.63 -29.89
CA SER B 471 -5.70 24.63 -30.53
C SER B 471 -5.15 23.66 -29.50
N VAL B 472 -4.72 24.16 -28.34
CA VAL B 472 -4.26 23.29 -27.28
C VAL B 472 -5.37 22.35 -26.83
N LEU B 473 -6.59 22.90 -26.69
CA LEU B 473 -7.72 22.07 -26.27
C LEU B 473 -8.01 20.98 -27.29
N GLY B 474 -7.95 21.29 -28.58
CA GLY B 474 -8.19 20.28 -29.59
C GLY B 474 -7.12 19.19 -29.62
N PHE B 475 -5.85 19.60 -29.51
CA PHE B 475 -4.78 18.60 -29.49
C PHE B 475 -4.91 17.70 -28.26
N LEU B 476 -5.18 18.29 -27.09
CA LEU B 476 -5.42 17.48 -25.91
C LEU B 476 -6.71 16.68 -26.01
N TYR B 477 -7.64 17.11 -26.86
CA TYR B 477 -8.87 16.36 -27.09
C TYR B 477 -8.58 15.05 -27.83
N CYS B 478 -7.80 15.13 -28.91
CA CYS B 478 -7.36 13.91 -29.57
C CYS B 478 -6.51 13.05 -28.64
N TYR B 479 -5.62 13.70 -27.89
CA TYR B 479 -4.82 13.01 -26.89
C TYR B 479 -5.70 12.27 -25.88
N SER B 480 -6.82 12.89 -25.48
CA SER B 480 -7.70 12.28 -24.50
C SER B 480 -8.46 11.11 -25.09
N HIS B 481 -8.87 11.20 -26.36
CA HIS B 481 -9.40 10.00 -27.02
C HIS B 481 -8.40 8.85 -26.96
N VAL B 482 -7.14 9.13 -27.28
CA VAL B 482 -6.14 8.05 -27.27
C VAL B 482 -6.00 7.48 -25.86
N GLY B 483 -5.91 8.37 -24.86
CA GLY B 483 -5.74 7.91 -23.49
C GLY B 483 -6.90 7.07 -22.99
N ILE B 484 -8.13 7.53 -23.25
CA ILE B 484 -9.29 6.79 -22.79
C ILE B 484 -9.44 5.48 -23.55
N ALA B 485 -9.13 5.48 -24.85
CA ALA B 485 -9.20 4.25 -25.62
C ALA B 485 -8.24 3.21 -25.09
N TRP B 486 -7.03 3.62 -24.71
CA TRP B 486 -6.11 2.67 -24.10
C TRP B 486 -6.49 2.32 -22.67
N ALA B 487 -7.21 3.21 -21.96
CA ALA B 487 -7.48 3.00 -20.55
C ALA B 487 -8.30 1.75 -20.27
N GLN B 488 -9.05 1.24 -21.25
CA GLN B 488 -9.84 0.04 -21.03
C GLN B 488 -8.98 -1.18 -20.77
N THR B 489 -7.72 -1.19 -21.23
CA THR B 489 -6.87 -2.34 -21.03
C THR B 489 -6.57 -2.56 -19.55
N TYR B 490 -6.24 -1.49 -18.83
CA TYR B 490 -5.90 -1.58 -17.41
C TYR B 490 -7.02 -1.08 -16.51
N ALA B 491 -8.22 -0.90 -17.02
CA ALA B 491 -9.34 -0.43 -16.22
C ALA B 491 -9.73 -1.45 -15.17
N ILE C 21 -15.26 -8.35 32.33
CA ILE C 21 -15.38 -8.47 30.88
C ILE C 21 -16.49 -9.45 30.52
N GLN C 22 -17.42 -9.00 29.69
CA GLN C 22 -18.52 -9.86 29.27
C GLN C 22 -19.03 -9.38 27.91
N LEU C 23 -19.72 -10.29 27.22
CA LEU C 23 -20.33 -10.01 25.93
C LEU C 23 -21.77 -10.50 25.96
N VAL C 24 -22.70 -9.64 25.56
CA VAL C 24 -24.13 -9.95 25.58
C VAL C 24 -24.68 -9.75 24.17
N GLN C 25 -25.46 -10.72 23.70
CA GLN C 25 -26.06 -10.64 22.38
C GLN C 25 -27.55 -10.32 22.49
N SER C 26 -28.14 -10.00 21.34
CA SER C 26 -29.50 -9.49 21.31
C SER C 26 -30.49 -10.51 21.87
N GLY C 27 -30.62 -11.65 21.19
CA GLY C 27 -31.57 -12.67 21.60
C GLY C 27 -32.14 -13.41 20.42
N PRO C 28 -33.09 -14.31 20.68
CA PRO C 28 -33.68 -15.09 19.59
C PRO C 28 -34.34 -14.19 18.55
N GLU C 29 -34.18 -14.56 17.27
CA GLU C 29 -34.71 -13.78 16.18
C GLU C 29 -35.35 -14.71 15.16
N LEU C 30 -36.57 -14.36 14.75
CA LEU C 30 -37.31 -15.11 13.74
C LEU C 30 -37.56 -14.20 12.54
N LYS C 31 -37.17 -14.65 11.36
CA LYS C 31 -37.30 -13.84 10.15
C LYS C 31 -37.80 -14.70 9.00
N LYS C 32 -38.46 -14.06 8.05
CA LYS C 32 -38.91 -14.72 6.84
C LYS C 32 -37.72 -15.01 5.92
N PRO C 33 -37.83 -16.02 5.06
CA PRO C 33 -36.70 -16.35 4.17
C PRO C 33 -36.27 -15.20 3.28
N GLY C 34 -37.19 -14.31 2.88
CA GLY C 34 -36.82 -13.20 2.02
C GLY C 34 -36.27 -12.01 2.76
N GLU C 35 -36.57 -11.87 4.04
CA GLU C 35 -36.21 -10.69 4.80
C GLU C 35 -34.74 -10.71 5.20
N THR C 36 -34.37 -9.75 6.05
CA THR C 36 -33.01 -9.64 6.58
C THR C 36 -33.08 -9.36 8.07
N VAL C 37 -32.00 -9.71 8.78
CA VAL C 37 -31.95 -9.59 10.22
C VAL C 37 -30.62 -8.97 10.64
N LYS C 38 -30.62 -8.31 11.79
CA LYS C 38 -29.44 -7.71 12.38
C LYS C 38 -29.24 -8.26 13.78
N ILE C 39 -28.02 -8.70 14.08
CA ILE C 39 -27.69 -9.26 15.38
C ILE C 39 -26.61 -8.42 16.02
N SER C 40 -26.82 -8.04 17.27
CA SER C 40 -25.95 -7.11 17.98
C SER C 40 -25.16 -7.83 19.05
N CYS C 41 -23.88 -7.49 19.18
CA CYS C 41 -22.98 -8.06 20.18
C CYS C 41 -22.36 -6.90 20.97
N LYS C 42 -22.82 -6.72 22.21
CA LYS C 42 -22.36 -5.61 23.05
C LYS C 42 -21.32 -6.12 24.03
N ALA C 43 -20.15 -5.49 24.02
CA ALA C 43 -19.03 -5.89 24.86
C ALA C 43 -18.83 -4.86 25.98
N SER C 44 -18.67 -5.34 27.21
CA SER C 44 -18.49 -4.46 28.34
C SER C 44 -17.36 -4.98 29.22
N GLY C 45 -16.77 -4.07 29.99
CA GLY C 45 -15.71 -4.41 30.92
C GLY C 45 -14.30 -4.27 30.39
N TYR C 46 -14.13 -3.85 29.14
CA TYR C 46 -12.80 -3.71 28.57
C TYR C 46 -12.84 -2.70 27.44
N THR C 47 -11.67 -2.20 27.07
CA THR C 47 -11.54 -1.26 25.95
C THR C 47 -12.01 -1.92 24.66
N PHE C 48 -13.13 -1.44 24.12
CA PHE C 48 -13.79 -2.14 23.03
C PHE C 48 -12.92 -2.22 21.78
N THR C 49 -12.24 -1.12 21.43
CA THR C 49 -11.45 -1.08 20.21
C THR C 49 -10.12 -1.83 20.33
N ASN C 50 -9.73 -2.24 21.54
CA ASN C 50 -8.44 -2.88 21.70
C ASN C 50 -8.39 -4.24 21.02
N TYR C 51 -9.46 -5.02 21.11
CA TYR C 51 -9.51 -6.38 20.59
C TYR C 51 -10.54 -6.48 19.47
N GLY C 52 -10.21 -7.25 18.45
CA GLY C 52 -11.13 -7.48 17.35
C GLY C 52 -12.26 -8.38 17.78
N MET C 53 -13.16 -8.64 16.84
CA MET C 53 -14.34 -9.46 17.12
C MET C 53 -14.49 -10.53 16.05
N ASN C 54 -14.83 -11.75 16.48
CA ASN C 54 -14.99 -12.88 15.58
C ASN C 54 -16.43 -13.36 15.61
N TRP C 55 -17.02 -13.54 14.44
CA TRP C 55 -18.37 -14.06 14.31
C TRP C 55 -18.27 -15.47 13.74
N VAL C 56 -18.86 -16.43 14.46
CA VAL C 56 -18.90 -17.83 14.05
C VAL C 56 -20.34 -18.30 14.13
N ARG C 57 -20.64 -19.42 13.49
CA ARG C 57 -21.98 -19.99 13.54
C ARG C 57 -21.92 -21.48 13.79
N GLN C 58 -22.93 -21.99 14.50
CA GLN C 58 -23.04 -23.41 14.82
C GLN C 58 -24.37 -23.90 14.28
N ALA C 59 -24.32 -24.66 13.18
CA ALA C 59 -25.51 -25.24 12.62
C ALA C 59 -26.02 -26.36 13.53
N PRO C 60 -27.33 -26.61 13.53
CA PRO C 60 -27.86 -27.68 14.41
C PRO C 60 -27.25 -29.04 14.15
N GLY C 61 -26.95 -29.36 12.89
CA GLY C 61 -26.38 -30.64 12.53
C GLY C 61 -24.90 -30.65 12.23
N LYS C 62 -24.18 -29.57 12.50
CA LYS C 62 -22.76 -29.47 12.20
C LYS C 62 -22.03 -28.85 13.39
N GLY C 63 -20.72 -28.71 13.25
CA GLY C 63 -19.90 -28.06 14.24
C GLY C 63 -19.79 -26.56 14.00
N LEU C 64 -18.87 -25.95 14.73
CA LEU C 64 -18.64 -24.52 14.60
C LEU C 64 -18.00 -24.21 13.25
N LYS C 65 -18.47 -23.13 12.63
CA LYS C 65 -17.89 -22.62 11.39
C LYS C 65 -17.53 -21.17 11.60
N TRP C 66 -16.26 -20.83 11.34
CA TRP C 66 -15.76 -19.47 11.56
C TRP C 66 -16.18 -18.60 10.39
N MET C 67 -17.18 -17.75 10.61
CA MET C 67 -17.70 -16.93 9.51
C MET C 67 -16.73 -15.81 9.14
N GLY C 68 -16.20 -15.10 10.12
CA GLY C 68 -15.27 -14.03 9.81
C GLY C 68 -14.94 -13.20 11.03
N TRP C 69 -14.28 -12.08 10.79
CA TRP C 69 -13.94 -11.19 11.88
C TRP C 69 -13.92 -9.75 11.42
N ILE C 70 -13.95 -8.86 12.41
CA ILE C 70 -13.97 -7.42 12.22
C ILE C 70 -12.91 -6.81 13.14
N ASN C 71 -12.12 -5.90 12.60
CA ASN C 71 -11.09 -5.20 13.37
C ASN C 71 -11.74 -3.97 14.00
N THR C 72 -11.96 -4.03 15.33
CA THR C 72 -12.69 -2.96 15.99
C THR C 72 -11.96 -1.62 15.91
N TYR C 73 -10.62 -1.64 15.84
CA TYR C 73 -9.87 -0.40 15.78
C TYR C 73 -10.11 0.34 14.45
N THR C 74 -10.14 -0.41 13.34
CA THR C 74 -10.27 0.20 12.03
C THR C 74 -11.56 -0.15 11.29
N GLY C 75 -12.34 -1.09 11.80
CA GLY C 75 -13.58 -1.46 11.12
C GLY C 75 -13.38 -2.08 9.75
N GLU C 76 -12.39 -2.96 9.62
CA GLU C 76 -12.12 -3.63 8.34
C GLU C 76 -12.46 -5.11 8.46
N PRO C 77 -13.59 -5.56 7.92
CA PRO C 77 -13.98 -6.96 8.07
C PRO C 77 -13.35 -7.87 7.03
N THR C 78 -12.96 -9.06 7.48
CA THR C 78 -12.53 -10.13 6.59
C THR C 78 -13.43 -11.33 6.83
N TYR C 79 -14.06 -11.83 5.77
CA TYR C 79 -15.00 -12.93 5.85
C TYR C 79 -14.36 -14.21 5.31
N ALA C 80 -14.92 -15.33 5.73
CA ALA C 80 -14.56 -16.61 5.12
C ALA C 80 -15.11 -16.68 3.71
N ASP C 81 -14.52 -17.56 2.90
CA ASP C 81 -14.91 -17.66 1.50
C ASP C 81 -16.37 -18.08 1.37
N ASP C 82 -16.81 -19.04 2.18
CA ASP C 82 -18.19 -19.50 2.11
C ASP C 82 -19.17 -18.39 2.53
N PHE C 83 -18.84 -17.65 3.57
CA PHE C 83 -19.73 -16.62 4.11
C PHE C 83 -19.35 -15.25 3.56
N LYS C 84 -19.51 -15.11 2.24
CA LYS C 84 -19.24 -13.86 1.55
C LYS C 84 -20.40 -13.54 0.62
N GLY C 85 -20.63 -12.24 0.42
CA GLY C 85 -21.65 -11.76 -0.48
C GLY C 85 -22.99 -11.50 0.17
N ARG C 86 -23.21 -11.99 1.39
CA ARG C 86 -24.47 -11.76 2.10
C ARG C 86 -24.29 -11.23 3.51
N PHE C 87 -23.17 -11.50 4.17
CA PHE C 87 -22.95 -11.11 5.55
C PHE C 87 -22.11 -9.84 5.60
N ALA C 88 -22.44 -8.95 6.54
CA ALA C 88 -21.71 -7.71 6.73
C ALA C 88 -21.59 -7.42 8.21
N PHE C 89 -20.38 -7.02 8.64
CA PHE C 89 -20.11 -6.67 10.02
C PHE C 89 -19.99 -5.17 10.15
N SER C 90 -20.69 -4.59 11.13
CA SER C 90 -20.69 -3.15 11.36
C SER C 90 -20.46 -2.89 12.84
N LEU C 91 -20.09 -1.65 13.14
CA LEU C 91 -19.73 -1.23 14.49
C LEU C 91 -20.77 -0.25 15.03
N GLU C 92 -20.81 -0.09 16.35
CA GLU C 92 -21.63 0.96 16.95
C GLU C 92 -20.92 1.59 18.14
N THR C 93 -19.59 1.66 18.10
CA THR C 93 -18.82 2.23 19.20
C THR C 93 -19.04 3.73 19.32
N ALA C 98 -21.15 0.00 22.89
CA ALA C 98 -20.05 -0.61 22.15
C ALA C 98 -20.51 -1.84 21.40
N TYR C 99 -21.72 -1.77 20.85
CA TYR C 99 -22.31 -2.93 20.17
C TYR C 99 -21.62 -3.18 18.83
N LEU C 100 -21.79 -4.39 18.33
CA LEU C 100 -21.23 -4.77 17.04
C LEU C 100 -22.25 -5.63 16.32
N GLN C 101 -22.67 -5.21 15.13
CA GLN C 101 -23.81 -5.80 14.46
C GLN C 101 -23.38 -6.63 13.25
N ILE C 102 -24.23 -7.59 12.92
CA ILE C 102 -24.10 -8.39 11.71
C ILE C 102 -25.42 -8.33 10.95
N ASN C 103 -25.33 -8.20 9.63
CA ASN C 103 -26.46 -8.18 8.72
C ASN C 103 -26.30 -9.29 7.70
N ASN C 104 -27.41 -9.91 7.31
CA ASN C 104 -27.37 -10.95 6.28
C ASN C 104 -28.74 -11.08 5.63
N LEU C 105 -28.75 -11.67 4.44
CA LEU C 105 -29.99 -12.04 3.78
C LEU C 105 -30.41 -13.44 4.21
N LYS C 106 -31.67 -13.59 4.61
CA LYS C 106 -32.14 -14.85 5.15
C LYS C 106 -32.15 -15.93 4.07
N ASP C 107 -31.94 -17.17 4.51
CA ASP C 107 -31.91 -18.32 3.62
C ASP C 107 -32.19 -19.56 4.48
N GLU C 108 -31.88 -20.75 3.95
CA GLU C 108 -32.16 -21.99 4.65
C GLU C 108 -31.34 -22.15 5.93
N ASP C 109 -30.31 -21.34 6.14
CA ASP C 109 -29.48 -21.48 7.34
C ASP C 109 -30.24 -21.07 8.58
N MET C 110 -30.06 -21.83 9.68
CA MET C 110 -30.73 -21.57 10.95
C MET C 110 -29.75 -21.70 12.11
N ALA C 111 -28.47 -21.44 11.87
CA ALA C 111 -27.45 -21.70 12.86
C ALA C 111 -27.53 -20.71 14.02
N THR C 112 -26.90 -21.09 15.13
CA THR C 112 -26.74 -20.19 16.27
C THR C 112 -25.46 -19.40 16.11
N TYR C 113 -25.56 -18.08 16.20
CA TYR C 113 -24.44 -17.20 15.87
C TYR C 113 -23.75 -16.73 17.14
N PHE C 114 -22.44 -16.95 17.22
CA PHE C 114 -21.63 -16.63 18.37
C PHE C 114 -20.67 -15.48 18.05
N CYS C 115 -20.44 -14.67 19.08
CA CYS C 115 -19.57 -13.50 19.03
C CYS C 115 -18.45 -13.73 20.03
N ALA C 116 -17.20 -13.61 19.58
CA ALA C 116 -16.06 -13.93 20.41
C ALA C 116 -15.02 -12.82 20.36
N ARG C 117 -14.59 -12.36 21.52
CA ARG C 117 -13.44 -11.47 21.59
C ARG C 117 -12.18 -12.23 21.23
N VAL C 118 -11.28 -11.57 20.49
CA VAL C 118 -10.02 -12.19 20.08
C VAL C 118 -8.87 -11.48 20.78
N TRP C 119 -8.06 -12.25 21.49
CA TRP C 119 -6.98 -11.69 22.28
C TRP C 119 -5.77 -11.41 21.38
N ASN C 120 -4.89 -10.54 21.87
CA ASN C 120 -3.81 -10.02 21.03
C ASN C 120 -2.78 -11.08 20.68
N TYR C 121 -2.51 -12.02 21.59
CA TYR C 121 -1.40 -12.93 21.41
C TYR C 121 -1.71 -14.33 21.95
N ASP C 122 -1.16 -15.33 21.27
CA ASP C 122 -1.01 -16.69 21.78
C ASP C 122 -2.32 -17.47 21.87
N TYR C 123 -3.47 -16.81 21.72
CA TYR C 123 -4.73 -17.53 21.68
C TYR C 123 -5.79 -16.66 21.04
N TYR C 124 -6.80 -17.31 20.48
CA TYR C 124 -7.77 -16.61 19.64
C TYR C 124 -8.99 -16.16 20.44
N PHE C 125 -9.78 -17.09 20.96
CA PHE C 125 -11.06 -16.74 21.58
C PHE C 125 -10.97 -16.94 23.08
N ASP C 126 -11.27 -15.89 23.84
CA ASP C 126 -11.24 -15.93 25.29
C ASP C 126 -12.63 -15.84 25.89
N TYR C 127 -13.42 -14.86 25.49
CA TYR C 127 -14.77 -14.67 25.99
C TYR C 127 -15.77 -14.73 24.84
N TRP C 128 -16.85 -15.48 25.06
CA TRP C 128 -17.84 -15.74 24.03
C TRP C 128 -19.19 -15.15 24.44
N GLY C 129 -19.98 -14.78 23.44
CA GLY C 129 -21.35 -14.39 23.68
C GLY C 129 -22.25 -15.57 23.93
N GLN C 130 -23.48 -15.28 24.34
CA GLN C 130 -24.43 -16.35 24.62
C GLN C 130 -24.94 -17.01 23.35
N GLY C 131 -25.06 -16.26 22.26
CA GLY C 131 -25.51 -16.81 21.00
C GLY C 131 -26.99 -16.58 20.73
N THR C 132 -27.32 -16.03 19.56
CA THR C 132 -28.69 -15.75 19.19
C THR C 132 -29.17 -16.83 18.23
N THR C 133 -30.01 -17.73 18.73
CA THR C 133 -30.61 -18.74 17.88
C THR C 133 -31.48 -18.07 16.83
N LEU C 134 -31.31 -18.46 15.58
CA LEU C 134 -32.01 -17.86 14.46
C LEU C 134 -32.92 -18.90 13.80
N THR C 135 -34.20 -18.56 13.69
CA THR C 135 -35.19 -19.40 13.02
C THR C 135 -35.70 -18.67 11.79
N VAL C 136 -35.63 -19.33 10.63
CA VAL C 136 -35.96 -18.69 9.37
C VAL C 136 -37.25 -19.22 8.75
N SER C 137 -37.71 -20.40 9.14
CA SER C 137 -38.91 -20.98 8.55
C SER C 137 -40.14 -20.14 8.83
N VAL D 21 -8.26 -26.00 4.98
CA VAL D 21 -7.74 -26.99 5.91
C VAL D 21 -8.90 -27.73 6.59
N LEU D 22 -8.92 -29.05 6.44
CA LEU D 22 -9.96 -29.89 7.03
C LEU D 22 -9.35 -30.66 8.20
N MET D 23 -9.99 -30.57 9.36
CA MET D 23 -9.48 -31.16 10.58
C MET D 23 -10.50 -32.16 11.12
N THR D 24 -10.05 -33.37 11.40
CA THR D 24 -10.93 -34.44 11.85
C THR D 24 -10.56 -34.84 13.27
N GLN D 25 -11.50 -35.46 13.98
CA GLN D 25 -11.30 -35.87 15.36
C GLN D 25 -11.64 -37.35 15.51
N THR D 26 -10.89 -38.02 16.38
CA THR D 26 -11.10 -39.42 16.71
C THR D 26 -11.04 -39.59 18.22
N PRO D 27 -12.00 -40.29 18.84
CA PRO D 27 -13.21 -40.78 18.17
C PRO D 27 -14.28 -39.70 18.11
N LEU D 28 -15.29 -39.87 17.26
CA LEU D 28 -16.35 -38.87 17.17
C LEU D 28 -17.15 -38.80 18.47
N SER D 29 -17.45 -39.95 19.07
CA SER D 29 -18.12 -40.02 20.37
C SER D 29 -17.28 -40.89 21.28
N LEU D 30 -16.87 -40.34 22.42
CA LEU D 30 -15.93 -41.00 23.31
C LEU D 30 -16.58 -41.26 24.66
N PRO D 31 -17.09 -42.46 24.92
CA PRO D 31 -17.72 -42.77 26.21
C PRO D 31 -16.70 -43.25 27.22
N VAL D 32 -16.56 -42.50 28.31
CA VAL D 32 -15.68 -42.87 29.42
C VAL D 32 -16.45 -42.73 30.72
N SER D 33 -16.24 -43.68 31.64
CA SER D 33 -16.85 -43.59 32.95
C SER D 33 -16.17 -42.51 33.78
N LEU D 34 -16.86 -42.08 34.84
CA LEU D 34 -16.32 -41.03 35.70
C LEU D 34 -15.05 -41.52 36.38
N GLY D 35 -14.04 -40.65 36.40
CA GLY D 35 -12.77 -40.98 37.02
C GLY D 35 -11.80 -41.75 36.16
N ASP D 36 -12.01 -41.80 34.85
CA ASP D 36 -11.13 -42.50 33.93
C ASP D 36 -10.46 -41.52 32.97
N GLN D 37 -9.21 -41.82 32.63
CA GLN D 37 -8.48 -40.98 31.69
C GLN D 37 -9.08 -41.07 30.30
N VAL D 38 -9.09 -39.95 29.59
CA VAL D 38 -9.62 -39.88 28.24
C VAL D 38 -8.61 -39.23 27.31
N SER D 39 -8.50 -39.75 26.09
CA SER D 39 -7.58 -39.23 25.09
C SER D 39 -8.36 -38.93 23.81
N ILE D 40 -8.22 -37.71 23.32
CA ILE D 40 -8.91 -37.25 22.12
C ILE D 40 -7.85 -36.82 21.11
N SER D 41 -7.92 -37.37 19.90
CA SER D 41 -6.93 -37.09 18.87
C SER D 41 -7.54 -36.23 17.78
N CYS D 42 -6.81 -35.22 17.34
CA CYS D 42 -7.25 -34.35 16.25
C CYS D 42 -6.19 -34.37 15.16
N ARG D 43 -6.59 -34.82 13.96
CA ARG D 43 -5.67 -34.94 12.83
C ARG D 43 -6.01 -33.88 11.79
N SER D 44 -5.01 -33.11 11.38
CA SER D 44 -5.19 -32.07 10.38
C SER D 44 -4.98 -32.61 8.98
N SER D 45 -5.41 -31.82 8.00
CA SER D 45 -5.18 -32.17 6.60
C SER D 45 -3.74 -31.91 6.18
N GLN D 46 -3.12 -30.85 6.72
CA GLN D 46 -1.77 -30.49 6.37
C GLN D 46 -1.13 -29.81 7.58
N SER D 47 0.05 -29.23 7.36
CA SER D 47 0.83 -28.68 8.47
C SER D 47 0.14 -27.45 9.05
N ILE D 48 0.05 -27.41 10.39
CA ILE D 48 -0.55 -26.28 11.10
C ILE D 48 0.50 -25.27 11.57
N VAL D 49 1.78 -25.64 11.55
CA VAL D 49 2.82 -24.73 12.02
C VAL D 49 2.81 -23.47 11.17
N HIS D 50 2.63 -22.32 11.82
CA HIS D 50 2.56 -21.05 11.13
C HIS D 50 3.96 -20.60 10.73
N SER D 51 4.01 -19.61 9.83
CA SER D 51 5.28 -19.06 9.40
C SER D 51 6.05 -18.42 10.54
N ASN D 52 5.36 -18.02 11.61
CA ASN D 52 6.04 -17.40 12.75
C ASN D 52 6.94 -18.38 13.49
N GLY D 53 6.81 -19.67 13.24
CA GLY D 53 7.57 -20.68 13.94
C GLY D 53 6.83 -21.39 15.05
N ASN D 54 5.55 -21.08 15.25
CA ASN D 54 4.73 -21.74 16.26
C ASN D 54 3.39 -22.11 15.65
N THR D 55 2.74 -23.11 16.24
CA THR D 55 1.47 -23.62 15.76
C THR D 55 0.33 -23.13 16.65
N TYR D 56 -0.75 -22.67 16.04
CA TYR D 56 -1.91 -22.16 16.76
C TYR D 56 -3.01 -23.21 16.68
N LEU D 57 -2.96 -24.18 17.58
CA LEU D 57 -4.00 -25.19 17.71
C LEU D 57 -4.50 -25.22 19.14
N GLU D 58 -5.78 -24.93 19.32
CA GLU D 58 -6.36 -24.77 20.65
C GLU D 58 -7.63 -25.60 20.77
N TRP D 59 -7.96 -25.97 22.00
CA TRP D 59 -9.04 -26.93 22.28
C TRP D 59 -10.15 -26.26 23.07
N TYR D 60 -11.38 -26.39 22.58
CA TYR D 60 -12.54 -25.71 23.13
C TYR D 60 -13.51 -26.73 23.68
N LEU D 61 -13.97 -26.52 24.92
CA LEU D 61 -14.98 -27.36 25.55
C LEU D 61 -16.30 -26.61 25.50
N GLN D 62 -17.25 -27.12 24.73
CA GLN D 62 -18.60 -26.58 24.67
C GLN D 62 -19.50 -27.50 25.46
N LYS D 63 -19.92 -27.07 26.64
CA LYS D 63 -20.91 -27.79 27.39
C LYS D 63 -22.26 -27.65 26.70
N PRO D 64 -23.19 -28.59 26.93
CA PRO D 64 -24.48 -28.53 26.24
C PRO D 64 -25.22 -27.23 26.53
N GLY D 65 -25.77 -26.64 25.47
CA GLY D 65 -26.59 -25.45 25.59
C GLY D 65 -25.88 -24.19 26.04
N GLN D 66 -24.65 -23.97 25.61
CA GLN D 66 -23.95 -22.71 25.86
C GLN D 66 -22.74 -22.64 24.94
N SER D 67 -22.01 -21.53 25.05
CA SER D 67 -20.88 -21.23 24.19
C SER D 67 -19.64 -22.03 24.62
N PRO D 68 -18.75 -22.33 23.67
CA PRO D 68 -17.53 -23.07 24.02
C PRO D 68 -16.60 -22.24 24.89
N LYS D 69 -15.80 -22.94 25.69
CA LYS D 69 -14.80 -22.32 26.55
C LYS D 69 -13.43 -22.86 26.19
N LEU D 70 -12.42 -22.00 26.23
CA LEU D 70 -11.07 -22.40 25.88
C LEU D 70 -10.46 -23.25 27.00
N LEU D 71 -9.72 -24.29 26.61
CA LEU D 71 -9.04 -25.15 27.56
C LEU D 71 -7.53 -25.05 27.46
N ILE D 72 -6.97 -25.34 26.28
CA ILE D 72 -5.54 -25.19 26.03
C ILE D 72 -5.39 -24.36 24.76
N TYR D 73 -4.50 -23.37 24.78
CA TYR D 73 -4.43 -22.43 23.68
C TYR D 73 -3.37 -22.84 22.66
N ARG D 74 -2.14 -23.04 23.09
CA ARG D 74 -1.14 -23.64 22.24
C ARG D 74 -0.87 -25.06 22.73
N VAL D 75 -0.19 -25.84 21.90
CA VAL D 75 0.06 -27.23 22.23
C VAL D 75 0.80 -27.32 23.56
N SER D 76 0.27 -28.15 24.46
CA SER D 76 0.85 -28.43 25.77
C SER D 76 0.66 -27.26 26.74
N ASN D 77 0.13 -26.14 26.25
CA ASN D 77 -0.12 -25.01 27.12
C ASN D 77 -1.45 -25.21 27.84
N ARG D 78 -1.79 -24.29 28.75
CA ARG D 78 -3.03 -24.40 29.50
C ARG D 78 -3.60 -23.02 29.74
N PHE D 79 -4.92 -22.91 29.63
CA PHE D 79 -5.60 -21.65 29.96
C PHE D 79 -5.72 -21.52 31.47
N SER D 80 -6.08 -20.31 31.91
CA SER D 80 -6.22 -20.06 33.34
C SER D 80 -7.37 -20.86 33.94
N GLY D 81 -8.50 -20.93 33.24
CA GLY D 81 -9.66 -21.64 33.77
C GLY D 81 -9.44 -23.14 33.85
N VAL D 82 -8.75 -23.71 32.88
CA VAL D 82 -8.58 -25.16 32.82
C VAL D 82 -7.75 -25.63 34.01
N PRO D 83 -8.16 -26.69 34.70
CA PRO D 83 -7.33 -27.22 35.80
C PRO D 83 -6.09 -27.94 35.30
N ASP D 84 -5.34 -28.54 36.22
CA ASP D 84 -4.07 -29.17 35.88
C ASP D 84 -4.23 -30.49 35.12
N ARG D 85 -5.44 -31.03 35.02
CA ARG D 85 -5.67 -32.33 34.43
C ARG D 85 -6.00 -32.26 32.94
N PHE D 86 -5.92 -31.08 32.33
CA PHE D 86 -6.25 -30.91 30.91
C PHE D 86 -5.03 -30.79 30.04
N SER D 87 -3.96 -31.53 30.34
CA SER D 87 -2.75 -31.46 29.54
C SER D 87 -2.98 -32.11 28.18
N GLY D 88 -2.59 -31.41 27.13
CA GLY D 88 -2.70 -31.97 25.79
C GLY D 88 -1.47 -31.74 24.93
N SER D 89 -0.80 -32.81 24.54
CA SER D 89 0.43 -32.74 23.76
C SER D 89 0.17 -33.25 22.35
N GLY D 90 0.80 -32.61 21.37
CA GLY D 90 0.58 -32.95 19.98
C GLY D 90 1.81 -32.74 19.14
N SER D 91 1.84 -33.41 18.00
CA SER D 91 2.93 -33.32 17.05
C SER D 91 2.64 -32.22 16.04
N GLY D 92 3.38 -32.19 14.94
CA GLY D 92 3.17 -31.17 13.93
C GLY D 92 1.82 -31.28 13.23
N THR D 93 1.35 -32.50 13.02
CA THR D 93 0.11 -32.74 12.29
C THR D 93 -0.98 -33.39 13.14
N ASP D 94 -0.65 -34.43 13.88
CA ASP D 94 -1.62 -35.12 14.74
C ASP D 94 -1.44 -34.64 16.18
N PHE D 95 -2.49 -34.09 16.75
CA PHE D 95 -2.47 -33.53 18.09
C PHE D 95 -3.35 -34.37 19.01
N THR D 96 -3.16 -34.21 20.32
CA THR D 96 -3.93 -34.98 21.27
C THR D 96 -4.18 -34.15 22.52
N LEU D 97 -5.30 -34.46 23.18
CA LEU D 97 -5.65 -33.87 24.47
C LEU D 97 -6.01 -34.99 25.44
N LYS D 98 -5.54 -34.87 26.67
CA LYS D 98 -5.68 -35.93 27.67
C LYS D 98 -6.30 -35.38 28.94
N ILE D 99 -7.29 -36.10 29.47
CA ILE D 99 -7.86 -35.83 30.78
C ILE D 99 -7.41 -36.96 31.69
N SER D 100 -6.63 -36.62 32.73
CA SER D 100 -6.12 -37.63 33.64
C SER D 100 -7.24 -38.29 34.43
N ARG D 101 -8.14 -37.48 34.99
CA ARG D 101 -9.26 -37.99 35.78
C ARG D 101 -10.49 -37.17 35.45
N VAL D 102 -11.48 -37.81 34.83
CA VAL D 102 -12.71 -37.11 34.47
C VAL D 102 -13.52 -36.88 35.75
N GLU D 103 -13.84 -35.62 36.01
CA GLU D 103 -14.56 -35.23 37.22
C GLU D 103 -16.06 -35.11 37.01
N ALA D 104 -16.58 -35.62 35.88
CA ALA D 104 -17.99 -35.61 35.50
C ALA D 104 -18.52 -34.21 35.24
N GLU D 105 -17.71 -33.18 35.43
CA GLU D 105 -18.07 -31.83 35.03
C GLU D 105 -17.33 -31.37 33.79
N ASP D 106 -16.54 -32.24 33.17
CA ASP D 106 -15.84 -31.96 31.93
C ASP D 106 -16.57 -32.53 30.72
N LEU D 107 -17.79 -33.01 30.89
CA LEU D 107 -18.57 -33.55 29.78
C LEU D 107 -19.00 -32.43 28.85
N GLY D 108 -18.93 -32.70 27.55
CA GLY D 108 -19.25 -31.71 26.54
C GLY D 108 -18.70 -32.13 25.20
N VAL D 109 -18.59 -31.16 24.30
CA VAL D 109 -18.08 -31.37 22.96
C VAL D 109 -16.75 -30.63 22.83
N TYR D 110 -15.71 -31.34 22.40
CA TYR D 110 -14.38 -30.78 22.30
C TYR D 110 -14.04 -30.49 20.85
N TYR D 111 -13.67 -29.25 20.56
CA TYR D 111 -13.35 -28.81 19.21
C TYR D 111 -11.88 -28.41 19.15
N CYS D 112 -11.16 -28.92 18.17
CA CYS D 112 -9.79 -28.50 17.90
C CYS D 112 -9.81 -27.44 16.80
N PHE D 113 -9.14 -26.32 17.06
CA PHE D 113 -9.22 -25.14 16.21
C PHE D 113 -7.83 -24.70 15.81
N GLN D 114 -7.64 -24.43 14.52
CA GLN D 114 -6.38 -23.92 13.99
C GLN D 114 -6.56 -22.46 13.59
N GLY D 115 -5.52 -21.66 13.82
CA GLY D 115 -5.60 -20.26 13.47
C GLY D 115 -4.52 -19.82 12.50
N SER D 116 -3.63 -20.74 12.14
CA SER D 116 -2.49 -20.38 11.30
C SER D 116 -2.93 -20.14 9.85
N HIS D 117 -3.77 -21.02 9.31
CA HIS D 117 -4.12 -20.99 7.89
C HIS D 117 -5.54 -20.46 7.73
N VAL D 118 -5.65 -19.27 7.15
CA VAL D 118 -6.97 -18.70 6.82
C VAL D 118 -7.57 -19.50 5.66
N PRO D 119 -8.86 -19.88 5.73
CA PRO D 119 -9.80 -19.61 6.82
C PRO D 119 -9.61 -20.54 8.02
N TRP D 120 -9.92 -20.04 9.20
CA TRP D 120 -9.75 -20.81 10.43
C TRP D 120 -10.89 -21.81 10.56
N THR D 121 -10.55 -23.06 10.83
CA THR D 121 -11.53 -24.14 10.86
C THR D 121 -11.52 -24.84 12.21
N PHE D 122 -12.71 -25.13 12.71
CA PHE D 122 -12.88 -25.90 13.93
C PHE D 122 -12.87 -27.40 13.61
N GLY D 123 -12.83 -28.20 14.67
CA GLY D 123 -12.91 -29.63 14.52
C GLY D 123 -14.35 -30.11 14.39
N GLY D 124 -14.48 -31.41 14.11
CA GLY D 124 -15.80 -32.00 14.02
C GLY D 124 -16.53 -32.01 15.35
N GLY D 125 -15.82 -32.29 16.44
CA GLY D 125 -16.44 -32.37 17.74
C GLY D 125 -16.41 -33.76 18.32
N THR D 126 -15.88 -33.91 19.52
CA THR D 126 -15.78 -35.21 20.20
C THR D 126 -16.70 -35.17 21.42
N LYS D 127 -17.93 -35.63 21.25
CA LYS D 127 -18.87 -35.67 22.36
C LYS D 127 -18.47 -36.75 23.35
N LEU D 128 -18.50 -36.41 24.64
CA LEU D 128 -18.20 -37.34 25.71
C LEU D 128 -19.48 -37.80 26.39
N GLU D 129 -19.53 -39.09 26.74
CA GLU D 129 -20.70 -39.71 27.32
C GLU D 129 -20.28 -40.57 28.50
N ILE D 130 -21.21 -40.80 29.43
CA ILE D 130 -20.98 -41.68 30.56
C ILE D 130 -21.39 -43.09 30.16
N LYS D 131 -20.43 -44.01 30.19
CA LYS D 131 -20.69 -45.39 29.80
C LYS D 131 -21.39 -46.16 30.90
#